data_6YU2
#
_entry.id   6YU2
#
_cell.length_a   43.950
_cell.length_b   97.290
_cell.length_c   110.940
_cell.angle_alpha   90.000
_cell.angle_beta   96.140
_cell.angle_gamma   90.000
#
_symmetry.space_group_name_H-M   'P 1 21 1'
#
loop_
_entity.id
_entity.type
_entity.pdbx_description
1 polymer 'Sodium-dependent transporter'
2 non-polymer 'octyl beta-D-glucopyranoside'
3 non-polymer 'SODIUM ION'
4 non-polymer ISOLEUCINE
5 water water
#
_entity_poly.entity_id   1
_entity_poly.type   'polypeptide(L)'
_entity_poly.pdbx_seq_one_letter_code
;SMASLKQQTGREQWASRLGFILAAMGSAVGLGNIWRFSYVTGENGGAAFLLVYLGFIALIGIPIVLAEFTIGRRAQSDAV
GSFEKLAPGKPWKVAGLMGVAAGFLILSFYGVIAGWILFYLFNYITGQLWSAPAEGFGGFFEGFIANPTLPLFWQALFMI
ATIWIVAIGVKKGIERSNKILMPLLGVLLIALAIYSLTLGGAKEGLAFLFSPDWSALKDPGVYLAAISQAFFTLSLGMGA
LITYGSYVSKDSRLPGAAVSVAGLDTAFAIIAGIMIFPAVFALGLSPSGGPGLVFVVLPDIFDSIRLGPIVGIAFFILLG
AAALSSAVSLLEVPVAYFMRKFDWSRKQAAITLGVIITLLGIPSSLSFGVLGEVTIIPGLNIFDSVDFIASSVFLPLGGM
IIALFIGWGWKTSDALAESDLTDSVWGKLWILSLRFIAPIAILIVFLSAFQIFFN
;
_entity_poly.pdbx_strand_id   A,B
#
loop_
_chem_comp.id
_chem_comp.type
_chem_comp.name
_chem_comp.formula
BOG D-saccharide 'octyl beta-D-glucopyranoside' 'C14 H28 O6'
NA non-polymer 'SODIUM ION' 'Na 1'
#
# COMPACT_ATOMS: atom_id res chain seq x y z
N GLY A 10 37.66 15.79 3.84
CA GLY A 10 37.83 16.68 2.70
C GLY A 10 36.81 17.82 2.63
N ARG A 11 35.57 17.51 2.99
CA ARG A 11 34.48 18.48 2.90
C ARG A 11 34.31 19.25 4.20
N GLU A 12 33.65 20.40 4.09
CA GLU A 12 33.22 21.13 5.26
C GLU A 12 32.05 20.42 5.92
N GLN A 13 31.83 20.72 7.20
CA GLN A 13 30.76 20.06 7.95
C GLN A 13 30.19 21.03 8.98
N TRP A 14 28.95 20.76 9.38
CA TRP A 14 28.37 21.52 10.49
C TRP A 14 29.17 21.26 11.76
N ALA A 15 29.25 22.28 12.61
CA ALA A 15 30.08 22.20 13.81
C ALA A 15 29.38 21.56 15.00
N SER A 16 28.10 21.18 14.85
CA SER A 16 27.38 20.48 15.91
C SER A 16 26.15 19.83 15.30
N ARG A 17 25.59 18.86 16.02
CA ARG A 17 24.38 18.19 15.53
C ARG A 17 23.19 19.14 15.52
N LEU A 18 23.20 20.18 16.35
CA LEU A 18 22.13 21.17 16.30
C LEU A 18 22.31 22.16 15.16
N GLY A 19 23.55 22.50 14.82
CA GLY A 19 23.79 23.38 13.69
C GLY A 19 23.20 22.84 12.41
N PHE A 20 23.21 21.52 12.24
CA PHE A 20 22.55 20.92 11.08
C PHE A 20 21.04 21.07 11.17
N ILE A 21 20.47 20.91 12.36
CA ILE A 21 19.01 21.02 12.52
C ILE A 21 18.56 22.44 12.18
N LEU A 22 19.22 23.45 12.78
CA LEU A 22 18.81 24.83 12.56
C LEU A 22 18.96 25.22 11.09
N ALA A 23 20.08 24.83 10.47
CA ALA A 23 20.27 25.12 9.06
C ALA A 23 19.17 24.49 8.21
N ALA A 24 18.84 23.23 8.51
CA ALA A 24 17.73 22.57 7.82
C ALA A 24 16.41 23.25 8.17
N MET A 25 16.24 23.66 9.43
CA MET A 25 15.07 24.45 9.81
C MET A 25 15.03 25.77 9.04
N GLY A 26 16.18 26.46 8.95
CA GLY A 26 16.23 27.68 8.18
C GLY A 26 16.00 27.45 6.69
N SER A 27 16.54 26.35 6.17
CA SER A 27 16.32 26.01 4.76
C SER A 27 14.84 25.76 4.48
N ALA A 28 14.15 25.05 5.38
CA ALA A 28 12.78 24.65 5.10
C ALA A 28 11.82 25.83 5.25
N VAL A 29 11.91 26.55 6.37
CA VAL A 29 10.94 27.60 6.70
C VAL A 29 11.36 28.87 5.98
N GLY A 30 10.69 29.19 4.88
CA GLY A 30 11.01 30.37 4.10
C GLY A 30 9.79 31.08 3.54
N LEU A 31 9.78 31.33 2.23
CA LEU A 31 8.67 32.04 1.61
C LEU A 31 7.48 31.12 1.32
N GLY A 32 7.74 29.84 1.04
CA GLY A 32 6.67 28.90 0.82
C GLY A 32 5.77 28.68 2.03
N ASN A 33 6.14 29.22 3.19
CA ASN A 33 5.28 29.09 4.36
C ASN A 33 4.22 30.17 4.40
N ILE A 34 4.62 31.42 4.15
CA ILE A 34 3.71 32.56 4.22
C ILE A 34 3.13 32.82 2.83
N TRP A 35 3.99 33.23 1.90
CA TRP A 35 3.52 33.71 0.60
C TRP A 35 2.84 32.61 -0.18
N ARG A 36 3.56 31.52 -0.46
CA ARG A 36 3.04 30.50 -1.37
C ARG A 36 1.87 29.75 -0.76
N PHE A 37 1.94 29.42 0.53
CA PHE A 37 0.88 28.66 1.16
C PHE A 37 -0.45 29.41 1.13
N SER A 38 -0.41 30.74 1.18
CA SER A 38 -1.64 31.52 1.23
C SER A 38 -2.44 31.40 -0.07
N TYR A 39 -1.87 31.88 -1.17
CA TYR A 39 -2.65 31.93 -2.41
C TYR A 39 -2.81 30.57 -3.07
N VAL A 40 -2.04 29.56 -2.66
CA VAL A 40 -2.26 28.20 -3.14
C VAL A 40 -3.36 27.50 -2.34
N THR A 41 -3.34 27.64 -1.02
CA THR A 41 -4.48 27.18 -0.22
C THR A 41 -5.75 27.90 -0.64
N GLY A 42 -5.66 29.20 -0.91
CA GLY A 42 -6.81 30.00 -1.26
C GLY A 42 -7.49 29.57 -2.55
N GLU A 43 -6.76 29.61 -3.66
CA GLU A 43 -7.36 29.31 -4.95
C GLU A 43 -7.73 27.84 -5.12
N ASN A 44 -7.45 26.98 -4.14
CA ASN A 44 -7.76 25.56 -4.24
C ASN A 44 -8.75 25.10 -3.17
N GLY A 45 -9.54 26.01 -2.61
CA GLY A 45 -10.67 25.63 -1.78
C GLY A 45 -10.44 25.61 -0.28
N GLY A 46 -9.25 25.99 0.18
CA GLY A 46 -8.99 26.10 1.60
C GLY A 46 -8.88 24.80 2.37
N ALA A 47 -9.92 24.48 3.14
CA ALA A 47 -9.81 23.41 4.14
C ALA A 47 -9.73 22.04 3.50
N ALA A 48 -10.40 21.84 2.36
CA ALA A 48 -10.24 20.58 1.63
C ALA A 48 -8.79 20.37 1.22
N PHE A 49 -8.19 21.41 0.64
CA PHE A 49 -6.79 21.34 0.23
C PHE A 49 -5.87 21.15 1.43
N LEU A 50 -6.07 21.96 2.47
CA LEU A 50 -5.14 21.97 3.61
C LEU A 50 -5.05 20.60 4.26
N LEU A 51 -6.19 19.96 4.50
CA LEU A 51 -6.16 18.63 5.11
C LEU A 51 -5.46 17.62 4.20
N VAL A 52 -5.52 17.83 2.89
CA VAL A 52 -4.80 16.95 1.97
C VAL A 52 -3.31 17.25 1.97
N TYR A 53 -2.96 18.55 1.94
CA TYR A 53 -1.55 18.93 2.07
C TYR A 53 -0.97 18.45 3.39
N LEU A 54 -1.77 18.47 4.46
CA LEU A 54 -1.30 17.97 5.75
C LEU A 54 -1.01 16.48 5.68
N GLY A 55 -1.96 15.70 5.15
CA GLY A 55 -1.78 14.26 5.08
C GLY A 55 -0.61 13.86 4.21
N PHE A 56 -0.27 14.67 3.20
CA PHE A 56 0.88 14.37 2.36
C PHE A 56 2.18 14.58 3.12
N ILE A 57 2.20 15.45 4.12
CA ILE A 57 3.44 15.72 4.84
C ILE A 57 3.76 14.57 5.81
N ALA A 58 2.73 13.88 6.32
CA ALA A 58 2.99 12.81 7.27
C ALA A 58 3.45 11.53 6.57
N LEU A 59 2.88 11.21 5.41
CA LEU A 59 3.18 9.94 4.75
C LEU A 59 4.11 10.08 3.56
N ILE A 60 4.25 11.26 2.98
CA ILE A 60 5.13 11.44 1.83
C ILE A 60 6.31 12.29 2.27
N GLY A 61 6.06 13.22 3.19
CA GLY A 61 7.04 14.20 3.62
C GLY A 61 8.06 13.67 4.62
N ILE A 62 7.61 13.28 5.80
CA ILE A 62 8.46 12.77 6.88
C ILE A 62 9.38 11.66 6.38
N PRO A 63 8.89 10.70 5.56
CA PRO A 63 9.83 9.69 5.05
C PRO A 63 10.89 10.24 4.13
N ILE A 64 10.54 11.11 3.18
CA ILE A 64 11.47 11.51 2.13
C ILE A 64 12.53 12.47 2.67
N VAL A 65 12.15 13.36 3.59
CA VAL A 65 13.15 14.22 4.23
C VAL A 65 14.21 13.35 4.91
N LEU A 66 13.77 12.35 5.69
CA LEU A 66 14.70 11.41 6.26
C LEU A 66 15.40 10.59 5.18
N ALA A 67 14.68 10.28 4.10
CA ALA A 67 15.32 9.62 2.96
C ALA A 67 16.44 10.47 2.39
N GLU A 68 16.17 11.76 2.18
CA GLU A 68 17.22 12.66 1.72
C GLU A 68 18.35 12.78 2.74
N PHE A 69 17.99 13.00 4.02
CA PHE A 69 19.00 13.06 5.06
C PHE A 69 19.85 11.80 5.10
N THR A 70 19.21 10.64 4.93
CA THR A 70 19.94 9.37 4.97
C THR A 70 20.93 9.28 3.82
N ILE A 71 20.47 9.52 2.59
CA ILE A 71 21.34 9.45 1.43
C ILE A 71 22.41 10.54 1.47
N GLY A 72 22.21 11.60 2.25
CA GLY A 72 23.12 12.73 2.21
C GLY A 72 24.47 12.43 2.85
N ARG A 73 24.45 11.77 4.00
CA ARG A 73 25.67 11.61 4.80
C ARG A 73 26.40 10.30 4.55
N ARG A 74 25.70 9.24 4.14
CA ARG A 74 26.40 7.99 3.86
C ARG A 74 27.33 8.14 2.67
N ALA A 75 26.98 9.00 1.72
CA ALA A 75 27.80 9.29 0.55
C ALA A 75 28.75 10.46 0.75
N GLN A 76 28.42 11.40 1.63
CA GLN A 76 29.22 12.60 1.88
C GLN A 76 29.63 13.26 0.55
N SER A 77 28.64 13.50 -0.30
CA SER A 77 28.85 14.13 -1.59
C SER A 77 27.71 15.10 -1.85
N ASP A 78 27.82 15.84 -2.96
CA ASP A 78 26.73 16.71 -3.38
C ASP A 78 25.48 15.91 -3.72
N ALA A 79 24.42 16.59 -4.17
CA ALA A 79 23.17 15.91 -4.45
C ALA A 79 23.32 14.92 -5.60
N VAL A 80 24.13 15.25 -6.59
CA VAL A 80 24.30 14.37 -7.74
C VAL A 80 25.31 13.27 -7.44
N GLY A 81 26.47 13.64 -6.89
CA GLY A 81 27.48 12.65 -6.55
C GLY A 81 27.09 11.73 -5.42
N SER A 82 26.09 12.10 -4.64
CA SER A 82 25.58 11.19 -3.61
C SER A 82 25.07 9.88 -4.21
N PHE A 83 24.50 9.93 -5.40
CA PHE A 83 24.03 8.72 -6.06
C PHE A 83 25.16 7.99 -6.78
N GLU A 84 26.29 8.66 -7.02
CA GLU A 84 27.42 8.04 -7.69
C GLU A 84 28.36 7.33 -6.72
N LYS A 85 28.33 7.67 -5.44
CA LYS A 85 29.17 7.02 -4.44
C LYS A 85 28.45 5.92 -3.69
N LEU A 86 27.11 5.84 -3.78
CA LEU A 86 26.34 4.80 -3.10
C LEU A 86 25.91 3.67 -4.03
N ALA A 87 25.33 4.00 -5.19
CA ALA A 87 24.99 3.01 -6.21
C ALA A 87 25.57 3.48 -7.54
N PRO A 88 26.90 3.39 -7.69
CA PRO A 88 27.52 3.84 -8.94
C PRO A 88 27.09 2.97 -10.12
N GLY A 89 26.90 3.62 -11.27
CA GLY A 89 26.53 2.94 -12.49
C GLY A 89 25.04 2.73 -12.66
N LYS A 90 24.28 2.66 -11.58
CA LYS A 90 22.83 2.54 -11.64
C LYS A 90 22.20 3.89 -12.00
N PRO A 91 21.01 3.88 -12.62
CA PRO A 91 20.45 5.14 -13.14
C PRO A 91 19.76 6.01 -12.10
N TRP A 92 20.04 5.78 -10.81
CA TRP A 92 19.39 6.56 -9.77
C TRP A 92 19.84 8.02 -9.77
N LYS A 93 21.01 8.32 -10.35
CA LYS A 93 21.49 9.69 -10.36
C LYS A 93 20.56 10.65 -11.09
N VAL A 94 19.58 10.12 -11.84
CA VAL A 94 18.58 10.96 -12.50
C VAL A 94 17.82 11.79 -11.47
N ALA A 95 17.57 11.23 -10.29
CA ALA A 95 16.93 12.00 -9.23
C ALA A 95 17.83 13.13 -8.73
N GLY A 96 19.10 12.81 -8.48
CA GLY A 96 20.06 13.84 -8.13
C GLY A 96 20.22 14.88 -9.22
N LEU A 97 20.06 14.48 -10.48
CA LEU A 97 20.07 15.43 -11.58
C LEU A 97 18.77 16.23 -11.61
N MET A 98 17.63 15.57 -11.37
CA MET A 98 16.33 16.25 -11.48
C MET A 98 16.18 17.34 -10.43
N GLY A 99 16.79 17.17 -9.26
CA GLY A 99 16.63 18.13 -8.19
C GLY A 99 17.46 19.38 -8.34
N VAL A 100 18.65 19.27 -8.94
CA VAL A 100 19.47 20.45 -9.19
C VAL A 100 18.81 21.35 -10.23
N ALA A 101 18.10 20.75 -11.19
CA ALA A 101 17.36 21.54 -12.16
C ALA A 101 16.21 22.30 -11.49
N ALA A 102 15.56 21.67 -10.50
CA ALA A 102 14.57 22.39 -9.71
C ALA A 102 15.19 23.50 -8.88
N GLY A 103 16.48 23.42 -8.57
CA GLY A 103 17.17 24.46 -7.85
C GLY A 103 17.42 25.69 -8.71
N PHE A 104 17.96 25.47 -9.91
CA PHE A 104 18.13 26.57 -10.87
C PHE A 104 16.81 27.25 -11.17
N LEU A 105 15.74 26.47 -11.31
CA LEU A 105 14.43 27.01 -11.68
C LEU A 105 13.77 27.74 -10.52
N ILE A 106 13.81 27.15 -9.32
CA ILE A 106 13.07 27.72 -8.20
C ILE A 106 13.79 28.96 -7.67
N LEU A 107 15.12 28.94 -7.63
CA LEU A 107 15.86 30.11 -7.16
C LEU A 107 15.76 31.28 -8.14
N SER A 108 15.33 31.03 -9.37
CA SER A 108 15.19 32.11 -10.35
C SER A 108 14.01 33.01 -9.99
N PHE A 109 12.86 32.41 -9.67
CA PHE A 109 11.72 33.21 -9.23
C PHE A 109 11.64 33.33 -7.71
N TYR A 110 12.46 32.58 -6.96
CA TYR A 110 12.57 32.84 -5.53
C TYR A 110 13.16 34.21 -5.29
N GLY A 111 14.21 34.57 -6.04
CA GLY A 111 14.73 35.92 -5.99
C GLY A 111 13.76 36.95 -6.53
N VAL A 112 12.79 36.52 -7.34
CA VAL A 112 11.76 37.44 -7.83
C VAL A 112 10.83 37.83 -6.68
N ILE A 113 10.31 36.83 -5.96
CA ILE A 113 9.39 37.14 -4.86
C ILE A 113 10.14 37.69 -3.66
N ALA A 114 11.41 37.32 -3.50
CA ALA A 114 12.23 37.94 -2.46
C ALA A 114 12.57 39.39 -2.79
N GLY A 115 12.51 39.78 -4.06
CA GLY A 115 12.64 41.18 -4.39
C GLY A 115 11.44 41.98 -3.91
N TRP A 116 10.26 41.38 -3.92
CA TRP A 116 9.09 42.03 -3.36
C TRP A 116 9.25 42.26 -1.86
N ILE A 117 9.96 41.38 -1.18
CA ILE A 117 10.17 41.52 0.26
C ILE A 117 11.02 42.74 0.56
N LEU A 118 12.12 42.91 -0.18
CA LEU A 118 13.03 44.02 0.11
C LEU A 118 12.46 45.36 -0.35
N PHE A 119 11.61 45.36 -1.38
CA PHE A 119 10.99 46.62 -1.80
C PHE A 119 10.02 47.13 -0.73
N TYR A 120 9.15 46.24 -0.23
CA TYR A 120 8.22 46.64 0.81
C TYR A 120 8.95 47.07 2.08
N LEU A 121 9.98 46.31 2.48
CA LEU A 121 10.80 46.71 3.62
C LEU A 121 11.41 48.08 3.42
N PHE A 122 11.94 48.35 2.23
CA PHE A 122 12.47 49.68 1.93
C PHE A 122 11.38 50.74 2.07
N ASN A 123 10.16 50.43 1.64
CA ASN A 123 9.10 51.43 1.70
C ASN A 123 8.70 51.75 3.14
N TYR A 124 8.72 50.73 4.01
CA TYR A 124 8.39 50.97 5.41
C TYR A 124 9.53 51.69 6.14
N ILE A 125 10.76 51.51 5.68
CA ILE A 125 11.89 52.21 6.29
C ILE A 125 11.82 53.69 5.96
N THR A 126 11.55 54.04 4.70
CA THR A 126 11.46 55.43 4.28
C THR A 126 10.10 56.04 4.57
N GLY A 127 9.23 55.33 5.28
CA GLY A 127 7.94 55.90 5.67
C GLY A 127 7.00 56.13 4.50
N GLN A 128 6.94 55.19 3.56
CA GLN A 128 6.12 55.34 2.37
C GLN A 128 4.83 54.55 2.43
N LEU A 129 4.89 53.30 2.90
CA LEU A 129 3.70 52.44 2.99
C LEU A 129 3.06 52.47 4.37
N TRP A 130 3.15 53.60 5.06
CA TRP A 130 2.56 53.69 6.41
C TRP A 130 1.04 53.77 6.34
N SER A 131 0.52 54.74 5.59
CA SER A 131 -0.92 54.85 5.36
C SER A 131 -1.29 54.27 4.01
N ALA A 132 -2.59 54.20 3.76
CA ALA A 132 -3.09 53.61 2.52
C ALA A 132 -2.79 54.53 1.34
N PRO A 133 -1.96 54.11 0.38
CA PRO A 133 -1.68 54.98 -0.78
C PRO A 133 -2.93 55.21 -1.62
N ALA A 134 -2.80 56.12 -2.58
CA ALA A 134 -3.92 56.45 -3.44
C ALA A 134 -4.30 55.27 -4.32
N GLU A 135 -3.32 54.72 -5.04
CA GLU A 135 -3.56 53.51 -5.83
C GLU A 135 -4.13 52.38 -5.01
N GLY A 136 -4.05 52.47 -3.69
CA GLY A 136 -4.50 51.41 -2.81
C GLY A 136 -3.43 50.35 -2.60
N PHE A 137 -3.55 49.64 -1.47
CA PHE A 137 -2.60 48.57 -1.17
C PHE A 137 -2.60 47.49 -2.25
N GLY A 138 -3.69 47.33 -2.99
CA GLY A 138 -3.71 46.40 -4.09
C GLY A 138 -3.09 46.98 -5.35
N GLY A 139 -3.41 48.25 -5.64
CA GLY A 139 -2.87 48.89 -6.82
C GLY A 139 -1.38 49.14 -6.72
N PHE A 140 -0.90 49.50 -5.53
CA PHE A 140 0.54 49.69 -5.33
C PHE A 140 1.32 48.45 -5.73
N PHE A 141 0.77 47.27 -5.43
CA PHE A 141 1.43 46.01 -5.80
C PHE A 141 1.36 45.76 -7.31
N GLU A 142 0.29 46.21 -7.96
CA GLU A 142 0.13 45.94 -9.39
C GLU A 142 1.12 46.74 -10.22
N GLY A 143 1.18 48.06 -10.01
CA GLY A 143 2.11 48.88 -10.75
C GLY A 143 3.56 48.65 -10.43
N PHE A 144 3.85 47.81 -9.43
CA PHE A 144 5.21 47.50 -9.03
C PHE A 144 5.71 46.23 -9.70
N ILE A 145 4.90 45.16 -9.67
CA ILE A 145 5.26 43.94 -10.37
C ILE A 145 5.15 44.10 -11.88
N ALA A 146 4.44 45.13 -12.35
CA ALA A 146 4.33 45.39 -13.78
C ALA A 146 5.40 46.34 -14.29
N ASN A 147 6.02 47.10 -13.40
CA ASN A 147 7.13 47.95 -13.79
C ASN A 147 8.29 47.08 -14.26
N PRO A 148 8.85 47.33 -15.44
CA PRO A 148 9.80 46.36 -16.02
C PRO A 148 11.09 46.19 -15.24
N THR A 149 11.63 47.25 -14.63
CA THR A 149 12.97 47.21 -14.07
C THR A 149 13.04 47.25 -12.55
N LEU A 150 12.09 47.90 -11.89
CA LEU A 150 12.17 48.04 -10.44
C LEU A 150 12.19 46.71 -9.67
N PRO A 151 11.45 45.66 -10.06
CA PRO A 151 11.64 44.37 -9.39
C PRO A 151 12.99 43.75 -9.65
N LEU A 152 13.58 43.99 -10.83
CA LEU A 152 14.86 43.38 -11.15
C LEU A 152 15.98 43.96 -10.31
N PHE A 153 15.85 45.22 -9.88
CA PHE A 153 16.87 45.82 -9.04
C PHE A 153 16.95 45.13 -7.68
N TRP A 154 15.80 45.04 -6.99
CA TRP A 154 15.80 44.46 -5.65
C TRP A 154 16.08 42.97 -5.67
N GLN A 155 15.71 42.28 -6.75
CA GLN A 155 16.08 40.87 -6.87
C GLN A 155 17.60 40.71 -6.92
N ALA A 156 18.27 41.55 -7.70
CA ALA A 156 19.73 41.49 -7.78
C ALA A 156 20.36 41.80 -6.44
N LEU A 157 19.76 42.73 -5.68
CA LEU A 157 20.30 43.07 -4.37
C LEU A 157 20.17 41.88 -3.41
N PHE A 158 19.04 41.18 -3.43
CA PHE A 158 18.89 39.99 -2.61
C PHE A 158 19.84 38.89 -3.08
N MET A 159 19.91 38.65 -4.39
CA MET A 159 20.83 37.64 -4.91
C MET A 159 22.27 37.94 -4.54
N ILE A 160 22.58 39.16 -4.09
CA ILE A 160 23.94 39.45 -3.63
C ILE A 160 24.18 38.76 -2.29
N ALA A 161 23.34 39.05 -1.29
CA ALA A 161 23.51 38.45 0.03
C ALA A 161 23.49 36.93 -0.06
N THR A 162 22.54 36.38 -0.82
CA THR A 162 22.52 34.95 -1.07
C THR A 162 23.85 34.48 -1.63
N ILE A 163 24.28 35.07 -2.75
CA ILE A 163 25.57 34.73 -3.34
C ILE A 163 26.69 34.96 -2.34
N TRP A 164 26.66 36.11 -1.66
CA TRP A 164 27.72 36.40 -0.69
C TRP A 164 27.80 35.32 0.38
N ILE A 165 26.67 35.02 1.03
CA ILE A 165 26.65 34.01 2.09
C ILE A 165 27.14 32.66 1.57
N VAL A 166 26.60 32.23 0.43
CA VAL A 166 27.01 30.94 -0.13
C VAL A 166 28.51 30.94 -0.41
N ALA A 167 29.01 32.02 -1.02
CA ALA A 167 30.44 32.09 -1.33
C ALA A 167 31.29 32.11 -0.08
N ILE A 168 30.74 32.55 1.05
CA ILE A 168 31.53 32.64 2.28
C ILE A 168 31.92 31.25 2.77
N GLY A 169 30.96 30.32 2.78
CA GLY A 169 31.25 28.97 3.22
C GLY A 169 30.23 28.39 4.17
N VAL A 170 30.27 27.06 4.36
CA VAL A 170 29.33 26.42 5.27
C VAL A 170 29.59 26.85 6.71
N LYS A 171 30.84 26.89 7.12
CA LYS A 171 31.20 27.20 8.50
C LYS A 171 31.38 28.69 8.76
N LYS A 172 31.66 29.48 7.72
CA LYS A 172 31.80 30.93 7.89
C LYS A 172 30.58 31.71 7.42
N GLY A 173 29.64 31.06 6.74
CA GLY A 173 28.50 31.77 6.19
C GLY A 173 27.14 31.13 6.44
N ILE A 174 26.93 29.95 5.87
CA ILE A 174 25.60 29.35 5.86
C ILE A 174 25.16 29.00 7.28
N GLU A 175 26.00 28.27 8.02
CA GLU A 175 25.66 27.83 9.37
C GLU A 175 25.59 28.99 10.35
N ARG A 176 26.25 30.11 10.06
CA ARG A 176 26.33 31.25 10.97
C ARG A 176 25.06 32.09 10.99
N SER A 177 23.91 31.50 10.65
CA SER A 177 22.66 32.25 10.66
C SER A 177 22.36 32.76 12.06
N ASN A 178 22.06 34.07 12.17
CA ASN A 178 21.76 34.71 13.45
C ASN A 178 20.69 33.91 14.18
N LYS A 179 21.07 33.27 15.28
CA LYS A 179 20.30 32.17 15.85
C LYS A 179 18.91 32.56 16.33
N ILE A 180 18.67 33.84 16.60
CA ILE A 180 17.46 34.26 17.31
C ILE A 180 16.43 34.90 16.38
N LEU A 181 16.64 34.87 15.07
CA LEU A 181 15.75 35.60 14.17
C LEU A 181 14.54 34.78 13.73
N MET A 182 14.73 33.52 13.38
CA MET A 182 13.58 32.65 13.09
C MET A 182 12.58 32.58 14.23
N PRO A 183 12.97 32.48 15.50
CA PRO A 183 11.97 32.56 16.58
C PRO A 183 11.23 33.88 16.61
N LEU A 184 11.90 34.99 16.26
CA LEU A 184 11.23 36.28 16.27
C LEU A 184 10.18 36.36 15.17
N LEU A 185 10.36 35.63 14.08
CA LEU A 185 9.34 35.60 13.04
C LEU A 185 8.14 34.74 13.44
N GLY A 186 8.35 33.76 14.31
CA GLY A 186 7.24 32.95 14.78
C GLY A 186 6.38 33.67 15.81
N VAL A 187 7.02 34.32 16.78
CA VAL A 187 6.28 35.04 17.81
C VAL A 187 5.42 36.12 17.18
N LEU A 188 5.93 36.81 16.17
CA LEU A 188 5.17 37.85 15.50
C LEU A 188 3.95 37.28 14.78
N LEU A 189 4.14 36.17 14.06
CA LEU A 189 3.03 35.57 13.33
C LEU A 189 1.90 35.16 14.26
N ILE A 190 2.24 34.62 15.44
CA ILE A 190 1.22 34.31 16.43
C ILE A 190 0.52 35.59 16.87
N ALA A 191 1.29 36.67 17.05
CA ALA A 191 0.69 37.95 17.41
C ALA A 191 -0.09 38.54 16.24
N LEU A 192 0.34 38.27 15.01
CA LEU A 192 -0.42 38.68 13.84
C LEU A 192 -1.63 37.78 13.60
N ALA A 193 -1.51 36.48 13.91
CA ALA A 193 -2.67 35.60 13.79
C ALA A 193 -3.77 36.03 14.74
N ILE A 194 -3.42 36.37 15.99
CA ILE A 194 -4.41 36.76 16.98
C ILE A 194 -5.10 38.06 16.57
N TYR A 195 -4.39 38.94 15.86
CA TYR A 195 -4.97 40.22 15.50
C TYR A 195 -6.11 40.06 14.50
N SER A 196 -5.84 39.38 13.38
CA SER A 196 -6.86 39.24 12.34
C SER A 196 -8.08 38.48 12.85
N LEU A 197 -7.93 37.71 13.92
CA LEU A 197 -9.07 37.01 14.52
C LEU A 197 -10.09 37.99 15.10
N THR A 198 -9.71 39.24 15.31
CA THR A 198 -10.60 40.27 15.84
C THR A 198 -10.98 41.31 14.79
N LEU A 199 -10.83 40.98 13.51
CA LEU A 199 -11.17 41.90 12.43
C LEU A 199 -12.54 41.64 11.84
N GLY A 200 -13.30 40.70 12.39
CA GLY A 200 -14.63 40.41 11.89
C GLY A 200 -14.70 39.36 10.79
N GLY A 201 -13.57 38.85 10.34
CA GLY A 201 -13.54 37.79 9.36
C GLY A 201 -13.18 36.41 9.88
N ALA A 202 -13.08 36.24 11.20
CA ALA A 202 -12.65 34.95 11.75
C ALA A 202 -13.64 33.84 11.44
N LYS A 203 -14.93 34.14 11.41
CA LYS A 203 -15.93 33.12 11.12
C LYS A 203 -15.83 32.64 9.68
N GLU A 204 -15.91 33.58 8.72
CA GLU A 204 -15.79 33.19 7.32
C GLU A 204 -14.41 32.63 7.00
N GLY A 205 -13.39 33.05 7.75
CA GLY A 205 -12.03 32.62 7.51
C GLY A 205 -11.72 31.24 8.05
N LEU A 206 -11.88 31.06 9.36
CA LEU A 206 -11.58 29.77 9.97
C LEU A 206 -12.48 28.66 9.47
N ALA A 207 -13.71 28.99 9.04
CA ALA A 207 -14.58 27.97 8.46
C ALA A 207 -14.08 27.56 7.07
N PHE A 208 -13.80 28.55 6.21
CA PHE A 208 -13.28 28.28 4.88
C PHE A 208 -11.91 27.60 4.93
N LEU A 209 -11.17 27.79 6.01
CA LEU A 209 -9.80 27.29 6.11
C LEU A 209 -9.67 25.99 6.88
N PHE A 210 -10.62 25.65 7.74
CA PHE A 210 -10.53 24.43 8.54
C PHE A 210 -11.69 23.47 8.38
N SER A 211 -12.84 23.91 7.84
CA SER A 211 -13.96 23.00 7.64
C SER A 211 -14.01 22.61 6.17
N PRO A 212 -13.99 21.32 5.84
CA PRO A 212 -13.77 20.91 4.44
C PRO A 212 -15.01 21.08 3.57
N ASP A 213 -14.78 21.54 2.34
CA ASP A 213 -15.73 21.48 1.23
C ASP A 213 -15.27 20.34 0.32
N TRP A 214 -15.99 19.22 0.36
CA TRP A 214 -15.47 17.98 -0.21
C TRP A 214 -15.46 17.97 -1.74
N SER A 215 -16.42 18.66 -2.37
CA SER A 215 -16.53 18.62 -3.83
C SER A 215 -15.25 19.02 -4.54
N ALA A 216 -14.38 19.79 -3.88
CA ALA A 216 -13.10 20.14 -4.47
C ALA A 216 -12.23 18.90 -4.70
N LEU A 217 -12.28 17.94 -3.77
CA LEU A 217 -11.45 16.74 -3.87
C LEU A 217 -11.82 15.85 -5.06
N LYS A 218 -12.86 16.17 -5.82
CA LYS A 218 -13.10 15.50 -7.09
C LYS A 218 -12.38 16.18 -8.24
N ASP A 219 -11.76 17.34 -7.99
CA ASP A 219 -10.86 17.97 -8.95
C ASP A 219 -9.45 17.47 -8.68
N PRO A 220 -8.79 16.82 -9.63
CA PRO A 220 -7.46 16.27 -9.35
C PRO A 220 -6.37 17.30 -9.16
N GLY A 221 -6.57 18.53 -9.64
CA GLY A 221 -5.53 19.55 -9.49
C GLY A 221 -5.19 19.82 -8.04
N VAL A 222 -6.20 19.76 -7.16
CA VAL A 222 -5.99 20.01 -5.73
C VAL A 222 -4.97 19.02 -5.17
N TYR A 223 -5.08 17.75 -5.55
CA TYR A 223 -4.09 16.76 -5.13
C TYR A 223 -2.70 17.16 -5.59
N LEU A 224 -2.53 17.38 -6.90
CA LEU A 224 -1.24 17.81 -7.42
C LEU A 224 -0.80 19.12 -6.79
N ALA A 225 -1.76 20.02 -6.54
CA ALA A 225 -1.45 21.27 -5.86
C ALA A 225 -0.90 21.02 -4.47
N ALA A 226 -1.52 20.09 -3.73
CA ALA A 226 -1.02 19.74 -2.41
C ALA A 226 0.38 19.14 -2.50
N ILE A 227 0.56 18.15 -3.37
CA ILE A 227 1.86 17.51 -3.50
C ILE A 227 2.90 18.51 -3.99
N SER A 228 2.49 19.50 -4.80
CA SER A 228 3.44 20.50 -5.25
C SER A 228 3.85 21.43 -4.11
N GLN A 229 2.88 21.85 -3.31
CA GLN A 229 3.17 22.72 -2.18
C GLN A 229 3.93 21.98 -1.08
N ALA A 230 3.57 20.71 -0.84
CA ALA A 230 4.20 19.95 0.24
C ALA A 230 5.68 19.73 -0.05
N PHE A 231 6.01 19.26 -1.25
CA PHE A 231 7.42 19.10 -1.62
C PHE A 231 8.16 20.43 -1.62
N PHE A 232 7.46 21.53 -1.93
CA PHE A 232 8.12 22.82 -2.04
C PHE A 232 8.44 23.42 -0.67
N THR A 233 7.50 23.33 0.28
CA THR A 233 7.70 23.90 1.59
C THR A 233 8.60 23.05 2.48
N LEU A 234 8.88 21.80 2.10
CA LEU A 234 9.75 20.92 2.87
C LEU A 234 11.15 20.81 2.27
N SER A 235 11.51 21.70 1.34
CA SER A 235 12.80 21.67 0.66
C SER A 235 13.05 20.32 -0.02
N LEU A 236 11.99 19.66 -0.46
CA LEU A 236 12.10 18.35 -1.07
C LEU A 236 12.34 18.48 -2.57
N GLY A 237 13.05 17.49 -3.13
CA GLY A 237 13.22 17.42 -4.56
C GLY A 237 14.00 18.56 -5.19
N MET A 238 14.68 19.37 -4.37
CA MET A 238 15.53 20.44 -4.87
C MET A 238 17.01 20.16 -4.71
N GLY A 239 17.38 18.99 -4.16
CA GLY A 239 18.77 18.69 -3.89
C GLY A 239 19.35 19.43 -2.71
N ALA A 240 18.52 20.08 -1.90
CA ALA A 240 19.00 20.88 -0.78
C ALA A 240 19.14 20.07 0.50
N LEU A 241 18.26 19.09 0.73
CA LEU A 241 18.35 18.27 1.92
C LEU A 241 19.43 17.19 1.78
N ILE A 242 19.73 16.77 0.54
CA ILE A 242 20.82 15.82 0.33
C ILE A 242 22.15 16.46 0.68
N THR A 243 22.34 17.72 0.28
CA THR A 243 23.62 18.40 0.52
C THR A 243 23.78 18.80 1.98
N TYR A 244 22.71 19.30 2.61
CA TYR A 244 22.78 19.63 4.04
C TYR A 244 23.01 18.39 4.88
N GLY A 245 22.56 17.22 4.41
CA GLY A 245 22.91 15.97 5.04
C GLY A 245 24.34 15.53 4.80
N SER A 246 24.97 16.05 3.74
CA SER A 246 26.34 15.71 3.40
C SER A 246 27.36 16.49 4.21
N TYR A 247 26.92 17.29 5.18
CA TYR A 247 27.81 17.95 6.10
C TYR A 247 27.56 17.49 7.54
N VAL A 248 26.83 16.39 7.70
CA VAL A 248 26.46 15.86 9.01
C VAL A 248 27.49 14.81 9.41
N SER A 249 27.82 14.78 10.70
CA SER A 249 28.88 13.94 11.23
C SER A 249 28.37 12.54 11.58
N LYS A 250 29.31 11.67 11.94
CA LYS A 250 28.98 10.29 12.29
C LYS A 250 27.97 10.24 13.43
N ASP A 251 28.24 11.00 14.49
CA ASP A 251 27.34 11.09 15.64
C ASP A 251 26.24 12.10 15.32
N SER A 252 25.03 11.61 15.05
CA SER A 252 23.85 12.42 14.79
C SER A 252 22.67 11.50 14.61
N ARG A 253 21.51 11.95 15.10
CA ARG A 253 20.26 11.22 14.98
C ARG A 253 19.48 11.83 13.82
N LEU A 254 19.49 11.13 12.67
CA LEU A 254 18.71 11.59 11.53
C LEU A 254 17.20 11.62 11.77
N PRO A 255 16.57 10.63 12.44
CA PRO A 255 15.11 10.64 12.52
C PRO A 255 14.52 11.84 13.26
N GLY A 256 15.20 12.35 14.28
CA GLY A 256 14.65 13.44 15.07
C GLY A 256 14.63 14.76 14.32
N ALA A 257 15.54 14.94 13.36
CA ALA A 257 15.62 16.21 12.65
C ALA A 257 14.47 16.37 11.66
N ALA A 258 14.24 15.35 10.84
CA ALA A 258 13.19 15.44 9.82
C ALA A 258 11.81 15.71 10.44
N VAL A 259 11.55 15.17 11.63
CA VAL A 259 10.30 15.45 12.31
C VAL A 259 10.28 16.89 12.82
N SER A 260 11.38 17.32 13.44
CA SER A 260 11.45 18.67 13.97
C SER A 260 11.29 19.73 12.89
N VAL A 261 11.67 19.41 11.66
CA VAL A 261 11.60 20.38 10.57
C VAL A 261 10.19 20.50 10.02
N ALA A 262 9.51 19.36 9.80
CA ALA A 262 8.16 19.41 9.26
C ALA A 262 7.17 19.97 10.28
N GLY A 263 7.33 19.60 11.54
CA GLY A 263 6.46 20.15 12.58
C GLY A 263 6.57 21.66 12.67
N LEU A 264 7.79 22.19 12.55
CA LEU A 264 7.97 23.65 12.58
C LEU A 264 7.47 24.29 11.30
N ASP A 265 7.74 23.65 10.15
CA ASP A 265 7.30 24.21 8.87
C ASP A 265 5.78 24.23 8.77
N THR A 266 5.12 23.15 9.20
CA THR A 266 3.67 23.11 9.14
C THR A 266 3.05 24.07 10.16
N ALA A 267 3.63 24.15 11.36
CA ALA A 267 3.15 25.11 12.35
C ALA A 267 3.27 26.54 11.84
N PHE A 268 4.43 26.87 11.26
CA PHE A 268 4.57 28.15 10.56
C PHE A 268 3.53 28.28 9.45
N ALA A 269 3.27 27.17 8.74
CA ALA A 269 2.32 27.21 7.64
C ALA A 269 0.90 27.45 8.14
N ILE A 270 0.55 26.85 9.27
CA ILE A 270 -0.82 26.98 9.78
C ILE A 270 -1.08 28.39 10.27
N ILE A 271 -0.18 28.94 11.08
CA ILE A 271 -0.36 30.28 11.62
C ILE A 271 -0.52 31.30 10.50
N ALA A 272 0.20 31.11 9.39
CA ALA A 272 0.02 31.98 8.23
C ALA A 272 -1.41 31.93 7.71
N GLY A 273 -2.00 30.74 7.67
CA GLY A 273 -3.41 30.63 7.30
C GLY A 273 -4.31 31.34 8.28
N ILE A 274 -4.03 31.21 9.58
CA ILE A 274 -4.83 31.86 10.60
C ILE A 274 -4.67 33.38 10.53
N MET A 275 -3.57 33.87 9.95
CA MET A 275 -3.35 35.31 9.83
C MET A 275 -3.91 35.86 8.52
N ILE A 276 -3.66 35.16 7.42
CA ILE A 276 -3.97 35.71 6.09
C ILE A 276 -5.48 35.66 5.84
N PHE A 277 -6.08 34.47 5.95
CA PHE A 277 -7.44 34.24 5.47
C PHE A 277 -8.52 34.91 6.31
N PRO A 278 -8.46 34.91 7.64
CA PRO A 278 -9.41 35.74 8.39
C PRO A 278 -9.32 37.21 8.02
N ALA A 279 -8.15 37.67 7.57
CA ALA A 279 -8.02 39.03 7.07
C ALA A 279 -8.54 39.17 5.65
N VAL A 280 -8.42 38.13 4.83
CA VAL A 280 -8.89 38.20 3.46
C VAL A 280 -10.41 38.31 3.42
N PHE A 281 -11.09 37.64 4.36
CA PHE A 281 -12.55 37.70 4.38
C PHE A 281 -13.06 38.94 5.10
N ALA A 282 -12.28 39.50 6.03
CA ALA A 282 -12.68 40.75 6.65
C ALA A 282 -12.47 41.92 5.69
N LEU A 283 -11.41 41.87 4.88
CA LEU A 283 -11.15 42.86 3.83
C LEU A 283 -12.06 42.70 2.64
N GLY A 284 -12.98 41.73 2.63
CA GLY A 284 -13.87 41.55 1.50
C GLY A 284 -13.13 41.04 0.27
N LEU A 285 -11.88 40.67 0.44
CA LEU A 285 -11.06 40.22 -0.66
C LEU A 285 -11.30 38.74 -0.95
N SER A 286 -10.99 38.34 -2.18
CA SER A 286 -11.14 36.94 -2.57
C SER A 286 -9.90 36.16 -2.17
N PRO A 287 -10.06 34.93 -1.69
CA PRO A 287 -8.89 34.13 -1.28
C PRO A 287 -8.05 33.66 -2.45
N SER A 288 -8.56 33.72 -3.68
CA SER A 288 -7.86 33.24 -4.87
C SER A 288 -7.24 34.39 -5.66
N GLY A 289 -6.44 35.22 -4.98
CA GLY A 289 -5.93 36.46 -5.54
C GLY A 289 -4.63 36.38 -6.31
N GLY A 290 -4.17 35.19 -6.66
CA GLY A 290 -2.93 35.06 -7.40
C GLY A 290 -1.71 35.14 -6.50
N PRO A 291 -0.52 35.04 -7.10
CA PRO A 291 0.70 34.96 -6.28
C PRO A 291 0.86 36.10 -5.30
N GLY A 292 0.54 37.32 -5.70
CA GLY A 292 0.66 38.45 -4.80
C GLY A 292 -0.53 38.64 -3.90
N LEU A 293 -0.97 37.57 -3.23
CA LEU A 293 -2.09 37.67 -2.30
C LEU A 293 -1.66 38.31 -1.00
N VAL A 294 -0.58 37.81 -0.39
CA VAL A 294 -0.14 38.31 0.90
C VAL A 294 0.30 39.76 0.82
N PHE A 295 0.85 40.16 -0.32
CA PHE A 295 1.35 41.53 -0.47
C PHE A 295 0.22 42.54 -0.68
N VAL A 296 -1.03 42.09 -0.73
CA VAL A 296 -2.18 42.99 -0.83
C VAL A 296 -2.83 43.05 0.55
N VAL A 297 -2.75 41.96 1.30
CA VAL A 297 -3.44 41.85 2.59
C VAL A 297 -2.56 42.31 3.73
N LEU A 298 -1.31 41.83 3.80
CA LEU A 298 -0.46 42.14 4.95
C LEU A 298 -0.26 43.63 5.15
N PRO A 299 0.04 44.44 4.14
CA PRO A 299 0.08 45.90 4.37
C PRO A 299 -1.27 46.48 4.75
N ASP A 300 -2.37 45.90 4.25
CA ASP A 300 -3.70 46.36 4.64
C ASP A 300 -3.99 46.03 6.10
N ILE A 301 -3.39 44.97 6.64
CA ILE A 301 -3.56 44.63 8.04
C ILE A 301 -2.71 45.54 8.92
N PHE A 302 -1.47 45.81 8.50
CA PHE A 302 -0.60 46.69 9.28
C PHE A 302 -1.15 48.12 9.32
N ASP A 303 -1.98 48.50 8.35
CA ASP A 303 -2.50 49.85 8.27
C ASP A 303 -3.49 50.17 9.37
N SER A 304 -4.09 49.15 10.01
CA SER A 304 -5.07 49.35 11.06
C SER A 304 -4.48 49.24 12.46
N ILE A 305 -3.16 49.12 12.57
CA ILE A 305 -2.47 49.08 13.86
C ILE A 305 -1.88 50.45 14.15
N ARG A 306 -1.76 50.78 15.44
CA ARG A 306 -1.12 52.03 15.82
C ARG A 306 0.38 52.00 15.52
N LEU A 307 1.06 50.90 15.87
CA LEU A 307 2.47 50.73 15.58
C LEU A 307 2.72 49.89 14.34
N GLY A 308 1.73 49.81 13.44
CA GLY A 308 1.87 49.03 12.23
C GLY A 308 3.12 49.26 11.42
N PRO A 309 3.57 50.51 11.24
CA PRO A 309 4.88 50.72 10.61
C PRO A 309 6.02 49.98 11.30
N ILE A 310 5.97 49.85 12.63
CA ILE A 310 7.00 49.09 13.32
C ILE A 310 6.84 47.59 13.04
N VAL A 311 5.60 47.11 13.03
CA VAL A 311 5.35 45.71 12.70
C VAL A 311 5.82 45.40 11.28
N GLY A 312 5.48 46.29 10.34
CA GLY A 312 5.89 46.09 8.95
C GLY A 312 7.39 45.96 8.81
N ILE A 313 8.14 46.88 9.41
CA ILE A 313 9.60 46.77 9.37
C ILE A 313 10.05 45.50 10.07
N ALA A 314 9.44 45.18 11.20
CA ALA A 314 9.80 43.96 11.91
C ALA A 314 9.40 42.72 11.12
N PHE A 315 8.25 42.75 10.46
CA PHE A 315 7.78 41.58 9.71
C PHE A 315 8.67 41.30 8.52
N PHE A 316 8.94 42.32 7.71
CA PHE A 316 9.69 42.10 6.48
C PHE A 316 11.19 41.92 6.71
N ILE A 317 11.73 42.45 7.81
CA ILE A 317 13.10 42.12 8.18
C ILE A 317 13.20 40.64 8.53
N LEU A 318 12.22 40.13 9.27
CA LEU A 318 12.23 38.74 9.71
C LEU A 318 11.81 37.79 8.60
N LEU A 319 10.88 38.21 7.72
CA LEU A 319 10.55 37.38 6.57
C LEU A 319 11.63 37.44 5.50
N GLY A 320 12.30 38.59 5.35
CA GLY A 320 13.43 38.66 4.43
C GLY A 320 14.55 37.72 4.81
N ALA A 321 14.95 37.75 6.09
CA ALA A 321 15.97 36.83 6.57
C ALA A 321 15.52 35.39 6.44
N ALA A 322 14.20 35.15 6.50
CA ALA A 322 13.69 33.80 6.27
C ALA A 322 13.85 33.38 4.82
N ALA A 323 13.55 34.29 3.88
CA ALA A 323 13.79 34.01 2.47
C ALA A 323 15.29 33.97 2.14
N LEU A 324 16.11 34.66 2.92
CA LEU A 324 17.55 34.60 2.71
C LEU A 324 18.13 33.27 3.17
N SER A 325 17.65 32.76 4.31
CA SER A 325 18.15 31.49 4.83
C SER A 325 17.71 30.30 3.98
N SER A 326 16.69 30.48 3.13
CA SER A 326 16.19 29.42 2.28
C SER A 326 16.76 29.47 0.87
N ALA A 327 16.95 30.67 0.31
CA ALA A 327 17.52 30.79 -1.02
C ALA A 327 19.01 30.53 -1.02
N VAL A 328 19.69 30.80 0.09
CA VAL A 328 21.10 30.45 0.21
C VAL A 328 21.29 28.95 0.05
N SER A 329 20.39 28.15 0.63
CA SER A 329 20.46 26.70 0.46
C SER A 329 20.07 26.29 -0.96
N LEU A 330 19.23 27.09 -1.63
CA LEU A 330 18.91 26.79 -3.02
C LEU A 330 20.14 26.93 -3.92
N LEU A 331 21.11 27.75 -3.51
CA LEU A 331 22.30 27.94 -4.31
C LEU A 331 23.39 26.91 -4.01
N GLU A 332 23.37 26.32 -2.83
CA GLU A 332 24.39 25.33 -2.47
C GLU A 332 24.30 24.09 -3.36
N VAL A 333 23.10 23.75 -3.83
CA VAL A 333 22.94 22.53 -4.65
C VAL A 333 23.76 22.61 -5.93
N PRO A 334 23.67 23.67 -6.74
CA PRO A 334 24.63 23.74 -7.86
C PRO A 334 26.05 24.00 -7.41
N VAL A 335 26.25 24.84 -6.39
CA VAL A 335 27.60 25.20 -5.97
C VAL A 335 28.35 23.98 -5.46
N ALA A 336 27.73 23.21 -4.55
CA ALA A 336 28.37 22.00 -4.06
C ALA A 336 28.56 20.96 -5.17
N TYR A 337 27.75 21.04 -6.24
CA TYR A 337 27.91 20.13 -7.37
C TYR A 337 29.04 20.58 -8.29
N PHE A 338 29.07 21.87 -8.63
CA PHE A 338 30.06 22.37 -9.58
C PHE A 338 31.47 22.35 -9.01
N MET A 339 31.61 22.47 -7.68
CA MET A 339 32.93 22.34 -7.07
C MET A 339 33.51 20.94 -7.31
N ARG A 340 32.66 19.91 -7.28
CA ARG A 340 33.10 18.56 -7.56
C ARG A 340 33.21 18.30 -9.06
N LYS A 341 32.12 18.54 -9.80
CA LYS A 341 32.06 18.19 -11.20
C LYS A 341 33.01 19.02 -12.05
N PHE A 342 33.42 20.21 -11.58
CA PHE A 342 34.26 21.06 -12.41
C PHE A 342 35.41 21.71 -11.64
N ASP A 343 35.69 21.27 -10.41
CA ASP A 343 36.82 21.76 -9.61
C ASP A 343 36.75 23.27 -9.37
N TRP A 344 35.58 23.88 -9.53
CA TRP A 344 35.43 25.29 -9.22
C TRP A 344 35.60 25.51 -7.72
N SER A 345 36.20 26.64 -7.36
CA SER A 345 36.25 27.02 -5.97
C SER A 345 34.84 27.35 -5.47
N ARG A 346 34.73 27.62 -4.17
CA ARG A 346 33.43 28.01 -3.65
C ARG A 346 33.02 29.39 -4.16
N LYS A 347 33.92 30.37 -4.05
CA LYS A 347 33.58 31.73 -4.41
C LYS A 347 33.31 31.86 -5.91
N GLN A 348 34.07 31.16 -6.74
CA GLN A 348 33.81 31.16 -8.17
C GLN A 348 32.45 30.54 -8.48
N ALA A 349 32.11 29.46 -7.77
CA ALA A 349 30.85 28.77 -8.04
C ALA A 349 29.66 29.66 -7.72
N ALA A 350 29.75 30.43 -6.63
CA ALA A 350 28.62 31.24 -6.20
C ALA A 350 28.32 32.37 -7.18
N ILE A 351 29.34 33.16 -7.51
CA ILE A 351 29.15 34.27 -8.46
C ILE A 351 28.62 33.74 -9.78
N THR A 352 29.32 32.76 -10.36
CA THR A 352 28.93 32.25 -11.67
C THR A 352 27.53 31.65 -11.64
N LEU A 353 27.24 30.79 -10.66
CA LEU A 353 25.95 30.14 -10.61
C LEU A 353 24.87 31.03 -10.02
N GLY A 354 25.23 32.12 -9.34
CA GLY A 354 24.24 33.00 -8.78
C GLY A 354 23.82 34.12 -9.71
N VAL A 355 24.74 34.55 -10.58
CA VAL A 355 24.40 35.57 -11.55
C VAL A 355 23.60 34.96 -12.71
N ILE A 356 23.80 33.67 -12.98
CA ILE A 356 23.00 33.01 -14.01
C ILE A 356 21.59 32.75 -13.52
N ILE A 357 21.45 32.32 -12.27
CA ILE A 357 20.12 32.11 -11.70
C ILE A 357 19.35 33.42 -11.63
N THR A 358 20.03 34.53 -11.38
CA THR A 358 19.36 35.83 -11.35
C THR A 358 18.83 36.21 -12.73
N LEU A 359 19.66 36.05 -13.76
CA LEU A 359 19.22 36.37 -15.13
C LEU A 359 18.13 35.44 -15.60
N LEU A 360 18.16 34.18 -15.16
CA LEU A 360 17.11 33.24 -15.55
C LEU A 360 15.74 33.68 -15.02
N GLY A 361 15.71 34.35 -13.86
CA GLY A 361 14.44 34.78 -13.32
C GLY A 361 13.90 36.06 -13.89
N ILE A 362 14.70 36.78 -14.67
CA ILE A 362 14.24 38.06 -15.23
C ILE A 362 13.00 37.90 -16.09
N PRO A 363 12.89 36.89 -16.96
CA PRO A 363 11.62 36.70 -17.68
C PRO A 363 10.44 36.36 -16.78
N SER A 364 10.68 35.94 -15.53
CA SER A 364 9.57 35.72 -14.60
C SER A 364 9.08 37.04 -14.01
N SER A 365 10.00 37.93 -13.63
CA SER A 365 9.61 39.23 -13.12
C SER A 365 8.86 40.05 -14.17
N LEU A 366 9.13 39.79 -15.45
CA LEU A 366 8.44 40.48 -16.53
C LEU A 366 7.08 39.86 -16.83
N SER A 367 6.82 38.63 -16.38
CA SER A 367 5.55 37.97 -16.66
C SER A 367 4.39 38.58 -15.89
N PHE A 368 4.66 39.45 -14.91
CA PHE A 368 3.61 40.11 -14.16
C PHE A 368 3.14 41.41 -14.81
N GLY A 369 3.87 41.92 -15.80
CA GLY A 369 3.49 43.18 -16.42
C GLY A 369 3.53 43.18 -17.93
N VAL A 370 4.74 43.21 -18.50
CA VAL A 370 4.87 43.29 -19.95
C VAL A 370 4.64 41.93 -20.61
N LEU A 371 5.06 40.83 -19.96
CA LEU A 371 4.89 39.49 -20.53
C LEU A 371 3.66 38.78 -19.99
N GLY A 372 2.59 39.53 -19.70
CA GLY A 372 1.41 38.90 -19.13
C GLY A 372 0.70 37.95 -20.08
N GLU A 373 0.56 38.35 -21.35
CA GLU A 373 -0.14 37.54 -22.33
C GLU A 373 0.71 36.41 -22.88
N VAL A 374 2.00 36.37 -22.58
CA VAL A 374 2.88 35.35 -23.11
C VAL A 374 2.77 34.08 -22.28
N THR A 375 2.73 32.93 -22.96
CA THR A 375 2.61 31.62 -22.32
C THR A 375 3.65 30.67 -22.88
N ILE A 376 4.20 29.82 -22.01
CA ILE A 376 5.06 28.71 -22.44
C ILE A 376 4.24 27.43 -22.37
N ILE A 377 3.99 26.94 -21.15
CA ILE A 377 3.03 25.84 -20.98
C ILE A 377 1.63 26.37 -21.27
N PRO A 378 0.84 25.66 -22.09
CA PRO A 378 -0.49 26.17 -22.48
C PRO A 378 -1.36 26.61 -21.31
N GLY A 379 -1.71 27.90 -21.28
CA GLY A 379 -2.61 28.44 -20.27
C GLY A 379 -1.96 29.17 -19.12
N LEU A 380 -0.63 29.20 -19.04
CA LEU A 380 0.07 29.76 -17.90
C LEU A 380 1.11 30.76 -18.36
N ASN A 381 1.29 31.84 -17.61
CA ASN A 381 2.37 32.76 -17.96
C ASN A 381 3.68 32.24 -17.40
N ILE A 382 4.76 32.95 -17.73
CA ILE A 382 6.11 32.39 -17.56
C ILE A 382 6.37 32.03 -16.11
N PHE A 383 5.94 32.87 -15.16
CA PHE A 383 6.10 32.53 -13.75
C PHE A 383 5.35 31.23 -13.42
N ASP A 384 4.09 31.13 -13.85
CA ASP A 384 3.31 29.94 -13.54
C ASP A 384 3.87 28.71 -14.24
N SER A 385 4.52 28.89 -15.38
CA SER A 385 5.03 27.76 -16.14
C SER A 385 6.30 27.18 -15.52
N VAL A 386 7.24 28.05 -15.16
CA VAL A 386 8.43 27.60 -14.44
C VAL A 386 8.01 26.94 -13.13
N ASP A 387 7.04 27.55 -12.43
CA ASP A 387 6.53 26.97 -11.19
C ASP A 387 5.99 25.57 -11.41
N PHE A 388 5.37 25.32 -12.57
CA PHE A 388 4.79 24.01 -12.83
C PHE A 388 5.86 22.94 -12.99
N ILE A 389 6.81 23.16 -13.91
CA ILE A 389 7.82 22.14 -14.16
C ILE A 389 8.73 21.99 -12.93
N ALA A 390 9.01 23.08 -12.24
CA ALA A 390 9.83 22.99 -11.04
C ALA A 390 9.06 22.32 -9.90
N SER A 391 7.94 22.93 -9.50
CA SER A 391 7.28 22.54 -8.25
C SER A 391 6.21 21.47 -8.40
N SER A 392 5.63 21.29 -9.58
CA SER A 392 4.60 20.28 -9.80
C SER A 392 5.10 19.08 -10.59
N VAL A 393 6.37 19.05 -10.98
CA VAL A 393 6.90 17.94 -11.76
C VAL A 393 8.22 17.47 -11.13
N PHE A 394 9.24 18.32 -11.21
CA PHE A 394 10.56 17.94 -10.71
C PHE A 394 10.52 17.57 -9.23
N LEU A 395 9.81 18.35 -8.42
CA LEU A 395 9.73 18.03 -6.99
C LEU A 395 8.94 16.76 -6.73
N PRO A 396 7.70 16.59 -7.20
CA PRO A 396 6.98 15.36 -6.88
C PRO A 396 7.58 14.13 -7.53
N LEU A 397 8.07 14.24 -8.77
CA LEU A 397 8.67 13.09 -9.43
C LEU A 397 10.06 12.79 -8.88
N GLY A 398 10.81 13.82 -8.46
CA GLY A 398 12.13 13.58 -7.91
C GLY A 398 12.09 12.78 -6.63
N GLY A 399 11.16 13.12 -5.74
CA GLY A 399 11.03 12.39 -4.48
C GLY A 399 10.57 10.96 -4.67
N MET A 400 9.77 10.70 -5.70
CA MET A 400 9.33 9.34 -5.99
C MET A 400 10.53 8.43 -6.29
N ILE A 401 11.41 8.87 -7.19
CA ILE A 401 12.61 8.10 -7.47
C ILE A 401 13.46 7.99 -6.20
N ILE A 402 13.55 9.08 -5.43
CA ILE A 402 14.29 9.07 -4.18
C ILE A 402 13.69 8.05 -3.23
N ALA A 403 12.36 8.06 -3.10
CA ALA A 403 11.69 7.13 -2.20
C ALA A 403 11.88 5.70 -2.68
N LEU A 404 11.65 5.46 -3.98
CA LEU A 404 11.85 4.12 -4.53
C LEU A 404 13.32 3.71 -4.47
N PHE A 405 14.24 4.68 -4.52
CA PHE A 405 15.67 4.37 -4.45
C PHE A 405 16.01 3.68 -3.13
N ILE A 406 15.65 4.30 -2.01
CA ILE A 406 15.94 3.69 -0.72
C ILE A 406 15.08 2.44 -0.52
N GLY A 407 13.77 2.59 -0.72
CA GLY A 407 12.86 1.50 -0.43
C GLY A 407 13.20 0.22 -1.17
N TRP A 408 13.64 0.33 -2.41
CA TRP A 408 13.96 -0.82 -3.23
C TRP A 408 15.44 -1.03 -3.47
N GLY A 409 16.21 0.05 -3.63
CA GLY A 409 17.62 -0.10 -3.93
C GLY A 409 18.54 0.05 -2.72
N TRP A 410 17.99 -0.20 -1.53
CA TRP A 410 18.80 -0.24 -0.31
C TRP A 410 18.53 -1.54 0.43
N LYS A 411 19.59 -2.22 0.85
CA LYS A 411 19.44 -3.33 1.77
C LYS A 411 18.76 -2.84 3.04
N THR A 412 17.66 -3.50 3.40
CA THR A 412 16.82 -3.01 4.50
C THR A 412 17.63 -2.79 5.77
N SER A 413 18.63 -3.65 6.01
CA SER A 413 19.50 -3.44 7.16
C SER A 413 20.30 -2.15 7.04
N ASP A 414 20.72 -1.81 5.81
CA ASP A 414 21.45 -0.56 5.60
C ASP A 414 20.53 0.65 5.65
N ALA A 415 19.33 0.53 5.07
CA ALA A 415 18.41 1.66 5.02
C ALA A 415 18.05 2.15 6.41
N LEU A 416 17.84 1.23 7.34
CA LEU A 416 17.50 1.61 8.71
C LEU A 416 18.72 2.04 9.50
N ALA A 417 19.87 1.39 9.26
CA ALA A 417 21.07 1.70 10.02
C ALA A 417 21.60 3.08 9.68
N GLU A 418 21.60 3.45 8.40
CA GLU A 418 22.05 4.77 7.99
C GLU A 418 21.03 5.85 8.35
N SER A 419 19.74 5.53 8.33
CA SER A 419 18.71 6.45 8.78
C SER A 419 18.54 6.45 10.30
N ASP A 420 19.40 5.72 11.03
CA ASP A 420 19.36 5.63 12.49
C ASP A 420 18.01 5.17 13.02
N LEU A 421 17.24 4.45 12.22
CA LEU A 421 16.02 3.83 12.67
C LEU A 421 16.28 2.35 12.95
N THR A 422 15.61 1.82 13.98
CA THR A 422 15.74 0.41 14.31
C THR A 422 14.71 -0.39 13.51
N ASP A 423 14.48 -1.65 13.90
CA ASP A 423 13.40 -2.45 13.35
C ASP A 423 12.08 -2.23 14.08
N SER A 424 11.87 -1.03 14.61
CA SER A 424 10.62 -0.71 15.29
C SER A 424 9.52 -0.43 14.28
N VAL A 425 8.31 -0.21 14.81
CA VAL A 425 7.15 0.07 13.96
C VAL A 425 7.42 1.30 13.10
N TRP A 426 8.08 2.29 13.67
CA TRP A 426 8.47 3.48 12.90
C TRP A 426 9.45 3.11 11.79
N GLY A 427 10.43 2.26 12.10
CA GLY A 427 11.37 1.83 11.08
C GLY A 427 10.69 1.13 9.92
N LYS A 428 9.76 0.23 10.25
CA LYS A 428 8.98 -0.44 9.21
C LYS A 428 8.08 0.56 8.48
N LEU A 429 7.33 1.37 9.23
CA LEU A 429 6.44 2.35 8.63
C LEU A 429 7.19 3.28 7.68
N TRP A 430 8.31 3.84 8.14
CA TRP A 430 9.09 4.72 7.28
C TRP A 430 9.56 4.00 6.02
N ILE A 431 10.09 2.78 6.19
CA ILE A 431 10.44 1.95 5.05
C ILE A 431 9.21 1.65 4.20
N LEU A 432 8.09 1.37 4.86
CA LEU A 432 6.86 1.06 4.14
C LEU A 432 6.43 2.23 3.26
N SER A 433 6.47 3.45 3.79
CA SER A 433 6.05 4.60 3.02
C SER A 433 6.96 4.84 1.83
N LEU A 434 8.24 4.47 1.93
CA LEU A 434 9.16 4.69 0.82
C LEU A 434 8.94 3.67 -0.29
N ARG A 435 8.74 2.40 0.06
CA ARG A 435 8.65 1.35 -0.95
C ARG A 435 7.36 1.47 -1.75
N PHE A 436 6.25 1.84 -1.10
CA PHE A 436 4.94 1.67 -1.71
C PHE A 436 4.06 2.90 -1.55
N ILE A 437 3.85 3.36 -0.32
CA ILE A 437 2.85 4.39 -0.02
C ILE A 437 3.15 5.69 -0.77
N ALA A 438 4.22 6.38 -0.36
CA ALA A 438 4.58 7.65 -0.99
C ALA A 438 4.76 7.55 -2.50
N PRO A 439 5.52 6.59 -3.05
CA PRO A 439 5.70 6.58 -4.51
C PRO A 439 4.42 6.34 -5.29
N ILE A 440 3.48 5.56 -4.74
CA ILE A 440 2.25 5.30 -5.46
C ILE A 440 1.30 6.48 -5.35
N ALA A 441 1.18 7.07 -4.16
CA ALA A 441 0.44 8.32 -4.02
C ALA A 441 0.91 9.34 -5.03
N ILE A 442 2.23 9.46 -5.21
CA ILE A 442 2.76 10.35 -6.23
C ILE A 442 2.41 9.82 -7.62
N LEU A 443 2.56 8.50 -7.83
CA LEU A 443 2.25 7.93 -9.14
C LEU A 443 0.76 8.06 -9.47
N ILE A 444 -0.09 7.89 -8.46
CA ILE A 444 -1.53 8.00 -8.70
C ILE A 444 -1.90 9.45 -9.03
N VAL A 445 -1.33 10.42 -8.31
CA VAL A 445 -1.61 11.81 -8.62
C VAL A 445 -1.06 12.19 -9.98
N PHE A 446 0.02 11.56 -10.43
CA PHE A 446 0.50 11.78 -11.78
C PHE A 446 -0.49 11.25 -12.81
N LEU A 447 -0.98 10.02 -12.60
CA LEU A 447 -1.94 9.45 -13.53
C LEU A 447 -3.25 10.23 -13.56
N SER A 448 -3.60 10.88 -12.44
CA SER A 448 -4.89 11.52 -12.30
C SER A 448 -4.88 13.00 -12.71
N ALA A 449 -3.70 13.58 -12.94
CA ALA A 449 -3.62 14.97 -13.37
C ALA A 449 -3.36 15.13 -14.86
N PHE A 450 -2.65 14.19 -15.47
CA PHE A 450 -2.31 14.29 -16.89
C PHE A 450 -3.09 13.27 -17.71
N GLY B 10 10.70 -33.48 18.94
CA GLY B 10 10.04 -34.72 19.29
C GLY B 10 8.85 -35.03 18.39
N ARG B 11 8.58 -34.14 17.44
CA ARG B 11 7.45 -34.30 16.55
C ARG B 11 7.83 -35.10 15.31
N GLU B 12 6.82 -35.46 14.53
CA GLU B 12 7.06 -36.17 13.28
C GLU B 12 7.62 -35.21 12.22
N GLN B 13 8.30 -35.78 11.24
CA GLN B 13 8.91 -35.01 10.16
C GLN B 13 8.69 -35.71 8.83
N TRP B 14 8.73 -34.94 7.75
CA TRP B 14 8.67 -35.52 6.43
C TRP B 14 9.97 -36.24 6.10
N ALA B 15 9.88 -37.25 5.24
CA ALA B 15 11.05 -38.08 4.97
C ALA B 15 12.08 -37.34 4.10
N SER B 16 11.63 -36.60 3.10
CA SER B 16 12.54 -35.85 2.25
C SER B 16 11.91 -34.50 1.93
N ARG B 17 12.71 -33.61 1.34
CA ARG B 17 12.20 -32.30 0.95
C ARG B 17 11.11 -32.42 -0.10
N LEU B 18 11.16 -33.46 -0.94
CA LEU B 18 10.17 -33.65 -1.99
C LEU B 18 8.84 -34.14 -1.44
N GLY B 19 8.86 -34.89 -0.33
CA GLY B 19 7.61 -35.38 0.23
C GLY B 19 6.77 -34.29 0.86
N PHE B 20 7.40 -33.24 1.38
CA PHE B 20 6.64 -32.16 2.02
C PHE B 20 5.72 -31.47 1.02
N ILE B 21 6.24 -31.17 -0.18
CA ILE B 21 5.46 -30.45 -1.17
C ILE B 21 4.22 -31.25 -1.55
N LEU B 22 4.39 -32.54 -1.82
CA LEU B 22 3.25 -33.39 -2.20
C LEU B 22 2.22 -33.43 -1.08
N ALA B 23 2.67 -33.51 0.17
CA ALA B 23 1.75 -33.44 1.30
C ALA B 23 0.99 -32.12 1.28
N ALA B 24 1.68 -31.02 0.99
CA ALA B 24 0.99 -29.74 0.86
C ALA B 24 0.19 -29.66 -0.43
N MET B 25 0.67 -30.30 -1.50
CA MET B 25 -0.10 -30.36 -2.74
C MET B 25 -1.33 -31.24 -2.57
N GLY B 26 -1.20 -32.36 -1.86
CA GLY B 26 -2.36 -33.18 -1.55
C GLY B 26 -3.35 -32.48 -0.65
N SER B 27 -2.88 -31.59 0.21
CA SER B 27 -3.79 -30.81 1.04
C SER B 27 -4.45 -29.71 0.22
N ALA B 28 -3.72 -29.13 -0.73
CA ALA B 28 -4.21 -28.00 -1.53
C ALA B 28 -5.26 -28.43 -2.54
N VAL B 29 -4.85 -29.23 -3.54
CA VAL B 29 -5.78 -29.72 -4.54
C VAL B 29 -6.85 -30.54 -3.86
N GLY B 30 -8.11 -30.21 -4.13
CA GLY B 30 -9.20 -30.92 -3.50
C GLY B 30 -10.55 -30.52 -4.08
N LEU B 31 -11.59 -30.76 -3.29
CA LEU B 31 -12.95 -30.48 -3.75
C LEU B 31 -13.12 -29.00 -4.09
N GLY B 32 -12.44 -28.12 -3.35
CA GLY B 32 -12.50 -26.69 -3.62
C GLY B 32 -12.05 -26.28 -5.01
N ASN B 33 -11.48 -27.20 -5.78
CA ASN B 33 -11.06 -26.94 -7.15
C ASN B 33 -12.15 -27.29 -8.16
N ILE B 34 -12.72 -28.48 -8.04
CA ILE B 34 -13.72 -28.97 -8.98
C ILE B 34 -15.14 -28.66 -8.50
N TRP B 35 -15.44 -28.93 -7.23
CA TRP B 35 -16.79 -28.69 -6.73
C TRP B 35 -17.02 -27.22 -6.40
N ARG B 36 -16.28 -26.70 -5.42
CA ARG B 36 -16.59 -25.38 -4.86
C ARG B 36 -16.37 -24.28 -5.89
N PHE B 37 -15.23 -24.32 -6.59
CA PHE B 37 -14.92 -23.26 -7.55
C PHE B 37 -16.01 -23.14 -8.63
N SER B 38 -16.63 -24.25 -9.02
CA SER B 38 -17.55 -24.22 -10.14
C SER B 38 -18.84 -23.49 -9.79
N TYR B 39 -19.43 -23.80 -8.63
CA TYR B 39 -20.71 -23.21 -8.27
C TYR B 39 -20.59 -21.86 -7.60
N VAL B 40 -19.47 -21.57 -6.94
CA VAL B 40 -19.27 -20.23 -6.40
C VAL B 40 -18.96 -19.23 -7.51
N THR B 41 -18.15 -19.64 -8.49
CA THR B 41 -17.85 -18.74 -9.61
C THR B 41 -19.11 -18.42 -10.42
N GLY B 42 -19.90 -19.45 -10.73
CA GLY B 42 -21.09 -19.23 -11.54
C GLY B 42 -22.10 -18.32 -10.88
N GLU B 43 -22.37 -18.54 -9.60
CA GLU B 43 -23.33 -17.72 -8.89
C GLU B 43 -22.83 -16.28 -8.69
N ASN B 44 -21.54 -16.03 -8.86
CA ASN B 44 -20.99 -14.70 -8.68
C ASN B 44 -20.97 -13.87 -9.96
N GLY B 45 -20.98 -14.51 -11.13
CA GLY B 45 -21.03 -13.75 -12.37
C GLY B 45 -20.13 -14.27 -13.47
N GLY B 46 -18.87 -14.56 -13.15
CA GLY B 46 -17.97 -15.12 -14.14
C GLY B 46 -16.55 -14.58 -14.07
N ALA B 47 -16.18 -13.79 -15.08
CA ALA B 47 -14.78 -13.41 -15.24
C ALA B 47 -14.35 -12.37 -14.20
N ALA B 48 -15.22 -11.41 -13.90
CA ALA B 48 -14.88 -10.38 -12.92
C ALA B 48 -14.52 -10.99 -11.58
N PHE B 49 -15.25 -12.02 -11.16
CA PHE B 49 -14.86 -12.77 -9.97
C PHE B 49 -13.50 -13.41 -10.14
N LEU B 50 -13.32 -14.15 -11.24
CA LEU B 50 -12.06 -14.86 -11.46
C LEU B 50 -10.87 -13.92 -11.43
N LEU B 51 -11.00 -12.75 -12.07
CA LEU B 51 -9.94 -11.75 -11.98
C LEU B 51 -9.67 -11.36 -10.53
N VAL B 52 -10.73 -11.00 -9.80
CA VAL B 52 -10.58 -10.68 -8.38
C VAL B 52 -10.05 -11.88 -7.62
N TYR B 53 -10.49 -13.08 -8.00
CA TYR B 53 -10.03 -14.30 -7.33
C TYR B 53 -8.57 -14.60 -7.68
N LEU B 54 -8.21 -14.50 -8.96
CA LEU B 54 -6.83 -14.78 -9.36
C LEU B 54 -5.87 -13.73 -8.80
N GLY B 55 -6.21 -12.46 -8.92
CA GLY B 55 -5.42 -11.41 -8.31
C GLY B 55 -5.33 -11.53 -6.80
N PHE B 56 -6.32 -12.16 -6.18
CA PHE B 56 -6.25 -12.44 -4.74
C PHE B 56 -5.30 -13.59 -4.43
N ILE B 57 -5.13 -14.53 -5.37
CA ILE B 57 -4.22 -15.65 -5.13
C ILE B 57 -2.77 -15.19 -5.21
N ALA B 58 -2.46 -14.32 -6.16
CA ALA B 58 -1.06 -13.96 -6.40
C ALA B 58 -0.55 -12.92 -5.41
N LEU B 59 -1.42 -12.05 -4.90
CA LEU B 59 -0.98 -10.95 -4.05
C LEU B 59 -1.26 -11.17 -2.57
N ILE B 60 -2.29 -11.92 -2.21
CA ILE B 60 -2.59 -12.21 -0.82
C ILE B 60 -2.26 -13.65 -0.43
N GLY B 61 -2.48 -14.62 -1.33
CA GLY B 61 -2.28 -16.01 -1.02
C GLY B 61 -0.83 -16.44 -0.93
N ILE B 62 -0.11 -16.34 -2.04
CA ILE B 62 1.30 -16.74 -2.13
C ILE B 62 2.12 -16.11 -1.00
N PRO B 63 1.92 -14.83 -0.66
CA PRO B 63 2.65 -14.30 0.51
C PRO B 63 2.33 -15.02 1.82
N ILE B 64 1.06 -15.37 2.06
CA ILE B 64 0.71 -16.03 3.31
C ILE B 64 0.98 -17.53 3.26
N VAL B 65 0.99 -18.15 2.08
CA VAL B 65 1.39 -19.56 1.97
C VAL B 65 2.81 -19.73 2.50
N LEU B 66 3.72 -18.84 2.07
CA LEU B 66 5.07 -18.84 2.64
C LEU B 66 5.06 -18.47 4.11
N ALA B 67 4.09 -17.64 4.52
CA ALA B 67 4.02 -17.20 5.92
C ALA B 67 3.72 -18.36 6.85
N GLU B 68 2.74 -19.20 6.50
CA GLU B 68 2.41 -20.35 7.35
C GLU B 68 3.50 -21.41 7.32
N PHE B 69 4.18 -21.57 6.17
CA PHE B 69 5.34 -22.45 6.14
C PHE B 69 6.43 -21.96 7.08
N THR B 70 6.68 -20.65 7.08
CA THR B 70 7.74 -20.08 7.91
C THR B 70 7.43 -20.26 9.39
N ILE B 71 6.23 -19.87 9.81
CA ILE B 71 5.81 -20.06 11.20
C ILE B 71 5.85 -21.53 11.57
N GLY B 72 5.46 -22.41 10.64
CA GLY B 72 5.51 -23.83 10.92
C GLY B 72 6.92 -24.34 11.11
N ARG B 73 7.80 -24.07 10.14
CA ARG B 73 9.15 -24.63 10.18
C ARG B 73 9.95 -24.12 11.36
N ARG B 74 9.89 -22.81 11.63
CA ARG B 74 10.67 -22.24 12.72
C ARG B 74 10.21 -22.80 14.07
N ALA B 75 8.90 -22.84 14.29
CA ALA B 75 8.38 -23.20 15.60
C ALA B 75 8.49 -24.70 15.85
N GLN B 76 8.21 -25.53 14.84
CA GLN B 76 8.19 -26.98 14.98
C GLN B 76 7.15 -27.42 16.02
N SER B 77 6.03 -26.70 16.07
CA SER B 77 4.91 -27.08 16.93
C SER B 77 3.61 -27.05 16.13
N ASP B 78 2.49 -27.27 16.80
CA ASP B 78 1.20 -27.30 16.13
C ASP B 78 0.81 -25.89 15.67
N ALA B 79 -0.42 -25.75 15.18
CA ALA B 79 -0.86 -24.46 14.64
C ALA B 79 -1.09 -23.45 15.75
N VAL B 80 -1.70 -23.88 16.86
CA VAL B 80 -1.97 -22.96 17.97
C VAL B 80 -0.69 -22.67 18.74
N GLY B 81 0.10 -23.71 19.04
CA GLY B 81 1.30 -23.53 19.83
C GLY B 81 2.43 -22.83 19.12
N SER B 82 2.37 -22.75 17.79
CA SER B 82 3.46 -22.10 17.05
C SER B 82 3.58 -20.63 17.44
N PHE B 83 2.46 -19.96 17.68
CA PHE B 83 2.52 -18.59 18.19
C PHE B 83 2.92 -18.58 19.67
N GLU B 84 2.53 -19.60 20.42
CA GLU B 84 2.94 -19.70 21.82
C GLU B 84 4.45 -19.89 21.95
N LYS B 85 5.08 -20.48 20.94
CA LYS B 85 6.51 -20.73 20.97
C LYS B 85 7.34 -19.55 20.48
N LEU B 86 6.91 -18.90 19.40
CA LEU B 86 7.68 -17.82 18.81
C LEU B 86 7.28 -16.45 19.33
N ALA B 87 6.08 -16.30 19.88
CA ALA B 87 5.63 -15.04 20.48
C ALA B 87 4.94 -15.34 21.81
N PRO B 88 5.68 -15.83 22.80
CA PRO B 88 5.04 -16.30 24.04
C PRO B 88 4.38 -15.16 24.80
N GLY B 89 3.14 -15.40 25.23
CA GLY B 89 2.41 -14.47 26.06
C GLY B 89 1.76 -13.30 25.33
N LYS B 90 1.82 -13.27 24.01
CA LYS B 90 1.25 -12.19 23.23
C LYS B 90 0.00 -12.67 22.48
N PRO B 91 -0.90 -11.75 22.09
CA PRO B 91 -2.20 -12.16 21.56
C PRO B 91 -2.17 -12.59 20.10
N TRP B 92 -1.03 -13.08 19.62
CA TRP B 92 -0.96 -13.58 18.25
C TRP B 92 -1.60 -14.96 18.11
N LYS B 93 -1.66 -15.72 19.21
CA LYS B 93 -2.14 -17.11 19.16
C LYS B 93 -3.61 -17.20 18.78
N VAL B 94 -4.33 -16.09 18.71
CA VAL B 94 -5.73 -16.14 18.32
C VAL B 94 -5.88 -16.64 16.89
N ALA B 95 -4.92 -16.32 16.01
CA ALA B 95 -4.95 -16.88 14.65
C ALA B 95 -4.79 -18.39 14.68
N GLY B 96 -4.09 -18.92 15.68
CA GLY B 96 -4.00 -20.37 15.81
C GLY B 96 -5.29 -20.97 16.33
N LEU B 97 -5.84 -20.37 17.40
CA LEU B 97 -7.13 -20.82 17.92
C LEU B 97 -8.23 -20.66 16.89
N MET B 98 -8.06 -19.73 15.94
CA MET B 98 -9.02 -19.57 14.86
C MET B 98 -8.86 -20.67 13.80
N GLY B 99 -7.62 -21.05 13.50
CA GLY B 99 -7.39 -22.04 12.46
C GLY B 99 -7.94 -23.41 12.81
N VAL B 100 -7.63 -23.89 14.02
CA VAL B 100 -8.14 -25.19 14.45
C VAL B 100 -9.66 -25.18 14.49
N ALA B 101 -10.24 -24.11 15.05
CA ALA B 101 -11.70 -24.01 15.11
C ALA B 101 -12.31 -23.95 13.71
N ALA B 102 -11.64 -23.28 12.77
CA ALA B 102 -12.06 -23.30 11.39
C ALA B 102 -11.81 -24.65 10.73
N GLY B 103 -11.10 -25.55 11.40
CA GLY B 103 -10.91 -26.91 10.90
C GLY B 103 -12.07 -27.81 11.25
N PHE B 104 -12.54 -27.71 12.51
CA PHE B 104 -13.73 -28.45 12.90
C PHE B 104 -14.92 -28.11 12.01
N LEU B 105 -15.05 -26.85 11.61
CA LEU B 105 -16.23 -26.43 10.87
C LEU B 105 -16.15 -26.82 9.40
N ILE B 106 -14.97 -26.73 8.79
CA ILE B 106 -14.85 -27.03 7.37
C ILE B 106 -14.85 -28.53 7.14
N LEU B 107 -14.04 -29.28 7.90
CA LEU B 107 -14.01 -30.73 7.78
C LEU B 107 -15.38 -31.38 8.05
N SER B 108 -16.25 -30.71 8.81
CA SER B 108 -17.56 -31.28 9.08
C SER B 108 -18.40 -31.36 7.80
N PHE B 109 -18.43 -30.28 7.01
CA PHE B 109 -19.16 -30.31 5.75
C PHE B 109 -18.27 -30.68 4.57
N TYR B 110 -16.94 -30.68 4.75
CA TYR B 110 -16.07 -31.16 3.68
C TYR B 110 -16.29 -32.64 3.42
N GLY B 111 -16.42 -33.43 4.49
CA GLY B 111 -16.76 -34.84 4.34
C GLY B 111 -18.17 -35.07 3.85
N VAL B 112 -19.03 -34.04 3.91
CA VAL B 112 -20.39 -34.17 3.40
C VAL B 112 -20.39 -34.22 1.88
N ILE B 113 -19.61 -33.34 1.24
CA ILE B 113 -19.51 -33.35 -0.21
C ILE B 113 -18.76 -34.59 -0.68
N ALA B 114 -17.77 -35.05 0.10
CA ALA B 114 -17.07 -36.29 -0.25
C ALA B 114 -17.99 -37.49 -0.14
N GLY B 115 -19.01 -37.42 0.74
CA GLY B 115 -20.04 -38.45 0.72
C GLY B 115 -20.78 -38.49 -0.61
N TRP B 116 -20.99 -37.32 -1.20
CA TRP B 116 -21.54 -37.28 -2.55
C TRP B 116 -20.54 -37.85 -3.56
N ILE B 117 -19.25 -37.77 -3.25
CA ILE B 117 -18.23 -38.32 -4.15
C ILE B 117 -18.24 -39.84 -4.10
N LEU B 118 -18.46 -40.42 -2.91
CA LEU B 118 -18.44 -41.87 -2.78
C LEU B 118 -19.76 -42.51 -3.20
N PHE B 119 -20.89 -41.83 -2.98
CA PHE B 119 -22.16 -42.37 -3.44
C PHE B 119 -22.19 -42.44 -4.96
N TYR B 120 -21.74 -41.37 -5.63
CA TYR B 120 -21.67 -41.39 -7.09
C TYR B 120 -20.69 -42.45 -7.57
N LEU B 121 -19.54 -42.57 -6.90
CA LEU B 121 -18.61 -43.65 -7.24
C LEU B 121 -19.26 -45.02 -7.09
N PHE B 122 -20.05 -45.21 -6.02
CA PHE B 122 -20.71 -46.48 -5.80
C PHE B 122 -21.69 -46.81 -6.93
N ASN B 123 -22.53 -45.85 -7.30
CA ASN B 123 -23.52 -46.08 -8.35
C ASN B 123 -22.85 -46.51 -9.66
N TYR B 124 -21.72 -45.89 -9.99
CA TYR B 124 -21.01 -46.26 -11.21
C TYR B 124 -20.38 -47.64 -11.09
N ILE B 125 -19.78 -47.95 -9.93
CA ILE B 125 -19.23 -49.29 -9.72
C ILE B 125 -20.34 -50.33 -9.79
N THR B 126 -21.53 -49.98 -9.30
CA THR B 126 -22.66 -50.90 -9.36
C THR B 126 -23.40 -50.84 -10.69
N GLY B 127 -23.22 -49.76 -11.46
CA GLY B 127 -23.92 -49.61 -12.72
C GLY B 127 -25.29 -49.00 -12.56
N GLN B 128 -25.38 -47.92 -11.76
CA GLN B 128 -26.66 -47.27 -11.50
C GLN B 128 -26.84 -45.97 -12.27
N LEU B 129 -25.77 -45.39 -12.81
CA LEU B 129 -25.84 -44.09 -13.46
C LEU B 129 -25.24 -44.10 -14.87
N TRP B 130 -25.09 -45.28 -15.47
CA TRP B 130 -24.57 -45.34 -16.84
C TRP B 130 -25.55 -44.74 -17.85
N SER B 131 -26.76 -44.38 -17.41
CA SER B 131 -27.72 -43.70 -18.25
C SER B 131 -28.53 -42.72 -17.40
N ALA B 132 -29.17 -41.77 -18.06
CA ALA B 132 -29.97 -40.77 -17.36
C ALA B 132 -31.22 -41.41 -16.78
N PRO B 133 -31.40 -41.42 -15.46
CA PRO B 133 -32.59 -42.05 -14.87
C PRO B 133 -33.88 -41.32 -15.23
N ALA B 134 -35.00 -41.90 -14.82
CA ALA B 134 -36.30 -41.34 -15.16
C ALA B 134 -36.43 -39.91 -14.65
N GLU B 135 -35.97 -39.66 -13.43
CA GLU B 135 -35.99 -38.32 -12.85
C GLU B 135 -34.84 -37.45 -13.34
N GLY B 136 -34.09 -37.92 -14.33
CA GLY B 136 -32.99 -37.16 -14.89
C GLY B 136 -31.79 -37.07 -13.96
N PHE B 137 -30.65 -36.62 -14.48
CA PHE B 137 -29.47 -36.45 -13.65
C PHE B 137 -29.63 -35.35 -12.61
N GLY B 138 -30.60 -34.45 -12.79
CA GLY B 138 -30.84 -33.41 -11.81
C GLY B 138 -31.62 -33.92 -10.61
N GLY B 139 -32.73 -34.62 -10.86
CA GLY B 139 -33.55 -35.13 -9.79
C GLY B 139 -32.89 -36.24 -9.00
N PHE B 140 -32.07 -37.06 -9.67
CA PHE B 140 -31.32 -38.11 -8.97
C PHE B 140 -30.47 -37.51 -7.86
N PHE B 141 -29.87 -36.35 -8.10
CA PHE B 141 -29.07 -35.69 -7.08
C PHE B 141 -29.95 -35.03 -6.03
N GLU B 142 -30.99 -34.31 -6.46
CA GLU B 142 -31.82 -33.55 -5.53
C GLU B 142 -32.48 -34.46 -4.51
N GLY B 143 -33.11 -35.53 -4.96
CA GLY B 143 -33.72 -36.47 -4.04
C GLY B 143 -32.72 -37.19 -3.17
N PHE B 144 -31.50 -37.38 -3.67
CA PHE B 144 -30.48 -38.10 -2.92
C PHE B 144 -30.04 -37.30 -1.69
N ILE B 145 -29.66 -36.04 -1.89
CA ILE B 145 -29.24 -35.19 -0.78
C ILE B 145 -30.39 -34.84 0.15
N ALA B 146 -31.63 -35.09 -0.26
CA ALA B 146 -32.78 -34.84 0.61
C ALA B 146 -33.07 -36.00 1.55
N ASN B 147 -32.63 -37.21 1.21
CA ASN B 147 -32.85 -38.37 2.07
C ASN B 147 -32.03 -38.24 3.34
N PRO B 148 -32.60 -38.52 4.52
CA PRO B 148 -31.89 -38.21 5.77
C PRO B 148 -30.71 -39.11 6.07
N THR B 149 -30.77 -40.39 5.71
CA THR B 149 -29.81 -41.38 6.21
C THR B 149 -28.69 -41.72 5.22
N LEU B 150 -28.99 -41.81 3.93
CA LEU B 150 -28.02 -42.34 2.98
C LEU B 150 -26.75 -41.49 2.88
N PRO B 151 -26.83 -40.15 2.88
CA PRO B 151 -25.58 -39.37 2.89
C PRO B 151 -24.75 -39.54 4.15
N LEU B 152 -25.40 -39.73 5.31
CA LEU B 152 -24.66 -39.89 6.56
C LEU B 152 -23.85 -41.18 6.59
N PHE B 153 -24.32 -42.22 5.89
CA PHE B 153 -23.57 -43.47 5.83
C PHE B 153 -22.29 -43.30 5.03
N TRP B 154 -22.37 -42.64 3.88
CA TRP B 154 -21.17 -42.43 3.07
C TRP B 154 -20.24 -41.40 3.71
N GLN B 155 -20.79 -40.42 4.40
CA GLN B 155 -19.97 -39.45 5.11
C GLN B 155 -19.22 -40.10 6.27
N ALA B 156 -19.90 -40.97 7.02
CA ALA B 156 -19.24 -41.70 8.09
C ALA B 156 -18.18 -42.64 7.53
N LEU B 157 -18.46 -43.27 6.39
CA LEU B 157 -17.47 -44.10 5.73
C LEU B 157 -16.24 -43.29 5.34
N PHE B 158 -16.44 -42.11 4.78
CA PHE B 158 -15.32 -41.29 4.31
C PHE B 158 -14.47 -40.80 5.49
N MET B 159 -15.12 -40.40 6.59
CA MET B 159 -14.39 -39.98 7.77
C MET B 159 -13.62 -41.13 8.41
N ILE B 160 -14.02 -42.37 8.15
CA ILE B 160 -13.28 -43.52 8.67
C ILE B 160 -11.92 -43.62 7.99
N ALA B 161 -11.88 -43.49 6.66
CA ALA B 161 -10.60 -43.54 5.96
C ALA B 161 -9.76 -42.30 6.26
N THR B 162 -10.40 -41.14 6.40
CA THR B 162 -9.69 -39.94 6.84
C THR B 162 -9.07 -40.15 8.21
N ILE B 163 -9.89 -40.56 9.18
CA ILE B 163 -9.39 -40.86 10.53
C ILE B 163 -8.30 -41.93 10.46
N TRP B 164 -8.53 -42.97 9.64
CA TRP B 164 -7.56 -44.05 9.55
C TRP B 164 -6.19 -43.53 9.12
N ILE B 165 -6.16 -42.75 8.04
CA ILE B 165 -4.89 -42.20 7.56
C ILE B 165 -4.29 -41.25 8.59
N VAL B 166 -5.12 -40.39 9.19
CA VAL B 166 -4.61 -39.45 10.19
C VAL B 166 -4.09 -40.20 11.42
N ALA B 167 -4.82 -41.22 11.86
CA ALA B 167 -4.39 -42.00 13.02
C ALA B 167 -3.17 -42.86 12.71
N ILE B 168 -2.90 -43.14 11.43
CA ILE B 168 -1.71 -43.94 11.10
C ILE B 168 -0.43 -43.15 11.39
N GLY B 169 -0.43 -41.86 11.07
CA GLY B 169 0.70 -40.99 11.32
C GLY B 169 1.12 -40.21 10.09
N VAL B 170 2.16 -39.41 10.27
CA VAL B 170 2.72 -38.63 9.16
C VAL B 170 3.76 -39.45 8.41
N LYS B 171 4.59 -40.22 9.11
CA LYS B 171 5.63 -40.98 8.43
C LYS B 171 5.07 -42.22 7.75
N LYS B 172 4.14 -42.92 8.40
CA LYS B 172 3.57 -44.14 7.85
C LYS B 172 2.22 -43.93 7.17
N GLY B 173 1.67 -42.71 7.21
CA GLY B 173 0.34 -42.49 6.67
C GLY B 173 0.22 -41.32 5.71
N ILE B 174 0.14 -40.10 6.24
CA ILE B 174 -0.11 -38.91 5.42
C ILE B 174 0.90 -38.83 4.28
N GLU B 175 2.18 -39.03 4.60
CA GLU B 175 3.21 -38.98 3.58
C GLU B 175 3.11 -40.16 2.62
N ARG B 176 2.89 -41.36 3.16
CA ARG B 176 2.81 -42.55 2.32
C ARG B 176 1.54 -42.55 1.47
N SER B 177 1.50 -41.68 0.48
CA SER B 177 0.40 -41.62 -0.49
C SER B 177 1.01 -41.60 -1.88
N ASN B 178 0.66 -42.59 -2.70
CA ASN B 178 1.27 -42.74 -4.01
C ASN B 178 1.08 -41.48 -4.85
N LYS B 179 2.17 -41.03 -5.47
CA LYS B 179 2.24 -39.82 -6.28
C LYS B 179 1.52 -39.96 -7.61
N ILE B 180 0.81 -41.06 -7.86
CA ILE B 180 0.13 -41.25 -9.13
C ILE B 180 -1.24 -40.57 -9.16
N LEU B 181 -1.92 -40.44 -8.02
CA LEU B 181 -3.31 -39.98 -8.03
C LEU B 181 -3.43 -38.53 -8.49
N MET B 182 -2.46 -37.68 -8.13
CA MET B 182 -2.53 -36.28 -8.51
C MET B 182 -2.46 -36.06 -10.03
N PRO B 183 -1.44 -36.56 -10.73
CA PRO B 183 -1.36 -36.28 -12.18
C PRO B 183 -2.45 -36.96 -13.00
N LEU B 184 -3.10 -38.00 -12.47
CA LEU B 184 -4.17 -38.64 -13.23
C LEU B 184 -5.44 -37.79 -13.20
N LEU B 185 -5.79 -37.22 -12.05
CA LEU B 185 -6.93 -36.31 -11.99
C LEU B 185 -6.74 -35.11 -12.90
N GLY B 186 -5.50 -34.74 -13.18
CA GLY B 186 -5.22 -33.63 -14.07
C GLY B 186 -5.37 -33.98 -15.54
N VAL B 187 -4.82 -35.12 -15.95
CA VAL B 187 -4.91 -35.54 -17.34
C VAL B 187 -6.36 -35.80 -17.73
N LEU B 188 -7.12 -36.42 -16.85
CA LEU B 188 -8.55 -36.62 -17.09
C LEU B 188 -9.29 -35.28 -17.17
N LEU B 189 -8.92 -34.33 -16.30
CA LEU B 189 -9.49 -33.00 -16.39
C LEU B 189 -9.10 -32.32 -17.69
N ILE B 190 -7.82 -32.42 -18.06
CA ILE B 190 -7.36 -31.88 -19.34
C ILE B 190 -8.14 -32.53 -20.49
N ALA B 191 -8.30 -33.85 -20.43
CA ALA B 191 -8.99 -34.55 -21.50
C ALA B 191 -10.48 -34.22 -21.50
N LEU B 192 -11.08 -34.06 -20.32
CA LEU B 192 -12.50 -33.77 -20.25
C LEU B 192 -12.83 -32.30 -20.47
N ALA B 193 -11.88 -31.39 -20.21
CA ALA B 193 -12.09 -30.00 -20.58
C ALA B 193 -12.17 -29.85 -22.09
N ILE B 194 -11.39 -30.64 -22.83
CA ILE B 194 -11.46 -30.60 -24.29
C ILE B 194 -12.78 -31.20 -24.77
N TYR B 195 -13.38 -32.11 -23.99
CA TYR B 195 -14.63 -32.72 -24.40
C TYR B 195 -15.81 -31.75 -24.28
N SER B 196 -15.82 -30.91 -23.25
CA SER B 196 -16.89 -29.92 -23.14
C SER B 196 -16.71 -28.75 -24.08
N LEU B 197 -15.51 -28.60 -24.66
CA LEU B 197 -15.32 -27.64 -25.76
C LEU B 197 -16.05 -28.07 -27.01
N THR B 198 -16.38 -29.35 -27.12
CA THR B 198 -16.99 -29.93 -28.31
C THR B 198 -18.50 -30.14 -28.18
N LEU B 199 -19.08 -29.87 -27.01
CA LEU B 199 -20.51 -30.05 -26.81
C LEU B 199 -21.34 -28.82 -27.18
N GLY B 200 -20.71 -27.77 -27.70
CA GLY B 200 -21.43 -26.63 -28.24
C GLY B 200 -21.53 -25.42 -27.34
N GLY B 201 -21.13 -25.53 -26.08
CA GLY B 201 -21.22 -24.45 -25.14
C GLY B 201 -19.98 -23.60 -24.99
N ALA B 202 -18.99 -23.75 -25.86
CA ALA B 202 -17.72 -23.05 -25.67
C ALA B 202 -17.87 -21.55 -25.80
N LYS B 203 -18.65 -21.08 -26.78
CA LYS B 203 -18.83 -19.64 -26.94
C LYS B 203 -19.63 -19.07 -25.77
N GLU B 204 -20.73 -19.73 -25.39
CA GLU B 204 -21.49 -19.26 -24.24
C GLU B 204 -20.80 -19.57 -22.92
N GLY B 205 -19.79 -20.43 -22.93
CA GLY B 205 -19.10 -20.81 -21.72
C GLY B 205 -17.83 -20.02 -21.44
N LEU B 206 -16.92 -20.00 -22.41
CA LEU B 206 -15.66 -19.27 -22.21
C LEU B 206 -15.90 -17.77 -22.12
N ALA B 207 -16.83 -17.25 -22.93
CA ALA B 207 -17.18 -15.84 -22.82
C ALA B 207 -17.90 -15.52 -21.52
N PHE B 208 -18.56 -16.50 -20.91
CA PHE B 208 -19.05 -16.33 -19.55
C PHE B 208 -17.90 -16.33 -18.55
N LEU B 209 -16.76 -16.93 -18.90
CA LEU B 209 -15.70 -17.21 -17.96
C LEU B 209 -14.52 -16.24 -18.03
N PHE B 210 -14.34 -15.55 -19.16
CA PHE B 210 -13.21 -14.64 -19.28
C PHE B 210 -13.57 -13.29 -19.89
N SER B 211 -14.87 -12.99 -20.08
CA SER B 211 -15.31 -11.69 -20.56
C SER B 211 -16.18 -11.03 -19.49
N PRO B 212 -15.61 -10.16 -18.66
CA PRO B 212 -16.34 -9.72 -17.46
C PRO B 212 -17.43 -8.71 -17.75
N ASP B 213 -18.44 -8.73 -16.89
CA ASP B 213 -19.49 -7.72 -16.84
C ASP B 213 -19.19 -6.89 -15.61
N TRP B 214 -18.47 -5.77 -15.81
CA TRP B 214 -17.89 -5.04 -14.68
C TRP B 214 -18.97 -4.60 -13.69
N SER B 215 -20.16 -4.26 -14.16
CA SER B 215 -21.22 -3.83 -13.26
C SER B 215 -21.56 -4.90 -12.22
N ALA B 216 -21.20 -6.16 -12.47
CA ALA B 216 -21.41 -7.19 -11.46
C ALA B 216 -20.42 -7.06 -10.30
N LEU B 217 -19.26 -6.45 -10.54
CA LEU B 217 -18.27 -6.20 -9.49
C LEU B 217 -18.75 -5.16 -8.47
N LYS B 218 -19.89 -4.53 -8.69
CA LYS B 218 -20.41 -3.55 -7.75
C LYS B 218 -20.69 -4.17 -6.38
N ASP B 219 -21.29 -5.35 -6.35
CA ASP B 219 -21.64 -6.02 -5.10
C ASP B 219 -20.38 -6.34 -4.30
N PRO B 220 -20.25 -5.84 -3.06
CA PRO B 220 -19.08 -6.19 -2.25
C PRO B 220 -19.02 -7.65 -1.86
N GLY B 221 -20.12 -8.41 -2.00
CA GLY B 221 -20.09 -9.82 -1.66
C GLY B 221 -19.20 -10.65 -2.55
N VAL B 222 -18.88 -10.17 -3.76
CA VAL B 222 -18.05 -10.92 -4.67
C VAL B 222 -16.59 -10.89 -4.22
N TYR B 223 -16.13 -9.73 -3.73
CA TYR B 223 -14.78 -9.65 -3.18
C TYR B 223 -14.63 -10.59 -1.99
N LEU B 224 -15.60 -10.58 -1.08
CA LEU B 224 -15.58 -11.50 0.04
C LEU B 224 -15.65 -12.94 -0.45
N ALA B 225 -16.39 -13.18 -1.54
CA ALA B 225 -16.50 -14.53 -2.10
C ALA B 225 -15.16 -15.01 -2.64
N ALA B 226 -14.50 -14.18 -3.46
CA ALA B 226 -13.19 -14.52 -3.98
C ALA B 226 -12.21 -14.76 -2.84
N ILE B 227 -12.21 -13.88 -1.84
CA ILE B 227 -11.38 -14.08 -0.66
C ILE B 227 -11.73 -15.40 0.02
N SER B 228 -13.02 -15.70 0.11
CA SER B 228 -13.43 -16.96 0.74
C SER B 228 -12.91 -18.15 -0.06
N GLN B 229 -13.06 -18.11 -1.39
CA GLN B 229 -12.54 -19.19 -2.23
C GLN B 229 -11.02 -19.19 -2.27
N ALA B 230 -10.40 -18.00 -2.30
CA ALA B 230 -8.94 -17.92 -2.34
C ALA B 230 -8.32 -18.63 -1.15
N PHE B 231 -8.72 -18.25 0.07
CA PHE B 231 -8.16 -18.88 1.26
C PHE B 231 -8.59 -20.34 1.37
N PHE B 232 -9.76 -20.69 0.83
CA PHE B 232 -10.24 -22.06 0.93
C PHE B 232 -9.48 -23.00 0.01
N THR B 233 -9.31 -22.63 -1.25
CA THR B 233 -8.65 -23.52 -2.21
C THR B 233 -7.14 -23.59 -1.99
N LEU B 234 -6.60 -22.95 -0.96
CA LEU B 234 -5.17 -22.95 -0.68
C LEU B 234 -4.84 -23.43 0.73
N SER B 235 -5.82 -23.96 1.45
CA SER B 235 -5.65 -24.46 2.82
C SER B 235 -5.19 -23.36 3.77
N LEU B 236 -5.55 -22.11 3.47
CA LEU B 236 -5.10 -20.97 4.25
C LEU B 236 -6.04 -20.71 5.42
N GLY B 237 -5.46 -20.22 6.52
CA GLY B 237 -6.25 -19.81 7.67
C GLY B 237 -6.91 -20.90 8.46
N MET B 238 -6.70 -22.17 8.11
CA MET B 238 -7.28 -23.29 8.82
C MET B 238 -6.25 -24.12 9.57
N GLY B 239 -5.08 -23.55 9.84
CA GLY B 239 -4.03 -24.26 10.54
C GLY B 239 -3.49 -25.50 9.85
N ALA B 240 -3.89 -25.76 8.60
CA ALA B 240 -3.42 -26.95 7.89
C ALA B 240 -2.02 -26.77 7.31
N LEU B 241 -1.56 -25.55 7.10
CA LEU B 241 -0.22 -25.31 6.57
C LEU B 241 0.80 -25.00 7.66
N ILE B 242 0.37 -24.40 8.77
CA ILE B 242 1.30 -24.18 9.89
C ILE B 242 1.72 -25.52 10.47
N THR B 243 0.88 -26.55 10.35
CA THR B 243 1.23 -27.87 10.86
C THR B 243 2.04 -28.67 9.83
N TYR B 244 1.68 -28.57 8.56
CA TYR B 244 2.46 -29.25 7.53
C TYR B 244 3.86 -28.67 7.39
N GLY B 245 4.00 -27.36 7.59
CA GLY B 245 5.31 -26.74 7.56
C GLY B 245 6.16 -27.03 8.78
N SER B 246 5.53 -27.43 9.88
CA SER B 246 6.29 -27.79 11.09
C SER B 246 7.02 -29.13 10.93
N TYR B 247 6.48 -30.02 10.10
CA TYR B 247 7.14 -31.31 9.86
C TYR B 247 8.33 -31.19 8.92
N VAL B 248 8.70 -29.98 8.50
CA VAL B 248 9.79 -29.76 7.57
C VAL B 248 11.06 -29.45 8.35
N SER B 249 12.16 -30.06 7.90
CA SER B 249 13.45 -29.87 8.52
C SER B 249 14.13 -28.64 7.93
N LYS B 250 15.40 -28.42 8.29
CA LYS B 250 16.14 -27.27 7.78
C LYS B 250 16.58 -27.45 6.34
N ASP B 251 16.58 -28.69 5.84
CA ASP B 251 16.90 -29.00 4.44
C ASP B 251 15.64 -28.81 3.61
N SER B 252 15.37 -27.54 3.27
CA SER B 252 14.19 -27.22 2.47
C SER B 252 14.31 -25.79 1.95
N ARG B 253 13.36 -25.43 1.08
CA ARG B 253 13.24 -24.07 0.56
C ARG B 253 11.76 -23.78 0.42
N LEU B 254 11.22 -23.01 1.35
CA LEU B 254 9.80 -22.72 1.44
C LEU B 254 9.25 -21.78 0.35
N PRO B 255 10.03 -20.83 -0.19
CA PRO B 255 9.47 -19.97 -1.25
C PRO B 255 9.01 -20.73 -2.48
N GLY B 256 9.88 -21.56 -3.08
CA GLY B 256 9.49 -22.27 -4.28
C GLY B 256 8.32 -23.22 -4.06
N ALA B 257 8.25 -23.83 -2.87
CA ALA B 257 7.14 -24.74 -2.59
C ALA B 257 5.81 -24.00 -2.59
N ALA B 258 5.79 -22.77 -2.10
CA ALA B 258 4.56 -21.99 -2.06
C ALA B 258 4.01 -21.73 -3.46
N VAL B 259 4.89 -21.29 -4.37
CA VAL B 259 4.44 -21.03 -5.74
C VAL B 259 4.01 -22.32 -6.42
N SER B 260 4.74 -23.42 -6.15
CA SER B 260 4.38 -24.72 -6.72
C SER B 260 2.96 -25.10 -6.33
N VAL B 261 2.62 -24.95 -5.06
CA VAL B 261 1.25 -25.20 -4.61
C VAL B 261 0.29 -24.20 -5.24
N ALA B 262 0.73 -22.95 -5.40
CA ALA B 262 -0.14 -21.92 -5.95
C ALA B 262 -0.51 -22.21 -7.39
N GLY B 263 0.50 -22.36 -8.26
CA GLY B 263 0.22 -22.58 -9.67
C GLY B 263 -0.54 -23.86 -9.94
N LEU B 264 -0.29 -24.90 -9.15
CA LEU B 264 -0.96 -26.17 -9.38
C LEU B 264 -2.45 -26.06 -9.12
N ASP B 265 -2.83 -25.56 -7.94
CA ASP B 265 -4.24 -25.45 -7.61
C ASP B 265 -4.95 -24.47 -8.51
N THR B 266 -4.28 -23.39 -8.89
CA THR B 266 -4.87 -22.43 -9.83
C THR B 266 -5.06 -23.07 -11.21
N ALA B 267 -4.11 -23.90 -11.64
CA ALA B 267 -4.29 -24.65 -12.88
C ALA B 267 -5.48 -25.60 -12.76
N PHE B 268 -5.52 -26.39 -11.69
CA PHE B 268 -6.70 -27.21 -11.40
C PHE B 268 -7.97 -26.38 -11.42
N ALA B 269 -7.96 -25.24 -10.71
CA ALA B 269 -9.17 -24.42 -10.64
C ALA B 269 -9.56 -23.86 -12.00
N ILE B 270 -8.58 -23.62 -12.87
CA ILE B 270 -8.88 -23.07 -14.19
C ILE B 270 -9.42 -24.14 -15.12
N ILE B 271 -8.72 -25.28 -15.22
CA ILE B 271 -9.16 -26.35 -16.10
C ILE B 271 -10.54 -26.86 -15.67
N ALA B 272 -10.80 -26.91 -14.36
CA ALA B 272 -12.12 -27.29 -13.88
C ALA B 272 -13.17 -26.23 -14.17
N GLY B 273 -12.74 -25.02 -14.53
CA GLY B 273 -13.68 -23.98 -14.91
C GLY B 273 -14.08 -24.14 -16.35
N ILE B 274 -13.12 -24.54 -17.19
CA ILE B 274 -13.40 -24.79 -18.60
C ILE B 274 -14.25 -26.04 -18.78
N MET B 275 -14.23 -26.96 -17.81
CA MET B 275 -14.99 -28.19 -17.95
C MET B 275 -16.48 -27.95 -17.70
N ILE B 276 -16.81 -27.22 -16.63
CA ILE B 276 -18.20 -27.17 -16.18
C ILE B 276 -19.03 -26.20 -17.02
N PHE B 277 -18.48 -25.03 -17.34
CA PHE B 277 -19.31 -23.93 -17.84
C PHE B 277 -19.66 -24.06 -19.32
N PRO B 278 -18.72 -24.42 -20.22
CA PRO B 278 -19.16 -24.87 -21.54
C PRO B 278 -20.11 -26.04 -21.48
N ALA B 279 -20.03 -26.86 -20.42
CA ALA B 279 -20.97 -27.95 -20.23
C ALA B 279 -22.29 -27.46 -19.64
N VAL B 280 -22.27 -26.36 -18.89
CA VAL B 280 -23.52 -25.82 -18.35
C VAL B 280 -24.37 -25.21 -19.45
N PHE B 281 -23.76 -24.40 -20.32
CA PHE B 281 -24.50 -23.74 -21.38
C PHE B 281 -24.80 -24.67 -22.55
N ALA B 282 -24.12 -25.81 -22.65
CA ALA B 282 -24.47 -26.81 -23.64
C ALA B 282 -25.71 -27.60 -23.22
N LEU B 283 -25.89 -27.80 -21.92
CA LEU B 283 -27.07 -28.48 -21.37
C LEU B 283 -28.22 -27.53 -21.11
N GLY B 284 -28.05 -26.23 -21.35
CA GLY B 284 -29.10 -25.27 -21.06
C GLY B 284 -29.36 -25.07 -19.60
N LEU B 285 -28.34 -25.23 -18.76
CA LEU B 285 -28.46 -25.02 -17.32
C LEU B 285 -27.94 -23.64 -16.94
N SER B 286 -28.13 -23.30 -15.66
CA SER B 286 -27.68 -22.03 -15.11
C SER B 286 -26.45 -22.24 -14.23
N PRO B 287 -25.45 -21.36 -14.34
CA PRO B 287 -24.22 -21.54 -13.55
C PRO B 287 -24.42 -21.33 -12.05
N SER B 288 -25.48 -20.65 -11.63
CA SER B 288 -25.71 -20.32 -10.23
C SER B 288 -26.52 -21.38 -9.49
N GLY B 289 -26.71 -22.56 -10.09
CA GLY B 289 -27.64 -23.55 -9.59
C GLY B 289 -27.37 -24.13 -8.20
N GLY B 290 -26.25 -23.78 -7.59
CA GLY B 290 -25.99 -24.20 -6.24
C GLY B 290 -24.88 -25.23 -6.11
N PRO B 291 -24.64 -25.70 -4.88
CA PRO B 291 -23.46 -26.54 -4.62
C PRO B 291 -23.48 -27.89 -5.32
N GLY B 292 -24.63 -28.37 -5.78
CA GLY B 292 -24.66 -29.63 -6.50
C GLY B 292 -24.35 -29.46 -7.96
N LEU B 293 -23.61 -28.40 -8.31
CA LEU B 293 -23.43 -28.01 -9.71
C LEU B 293 -22.71 -29.10 -10.50
N VAL B 294 -21.56 -29.56 -9.99
CA VAL B 294 -20.81 -30.59 -10.70
C VAL B 294 -21.48 -31.95 -10.65
N PHE B 295 -22.52 -32.10 -9.83
CA PHE B 295 -23.25 -33.35 -9.76
C PHE B 295 -24.47 -33.39 -10.68
N VAL B 296 -24.86 -32.24 -11.23
CA VAL B 296 -25.86 -32.20 -12.29
C VAL B 296 -25.22 -32.09 -13.66
N VAL B 297 -23.95 -31.72 -13.73
CA VAL B 297 -23.24 -31.51 -14.99
C VAL B 297 -22.36 -32.69 -15.36
N LEU B 298 -21.49 -33.12 -14.44
CA LEU B 298 -20.58 -34.22 -14.75
C LEU B 298 -21.30 -35.51 -15.16
N PRO B 299 -22.33 -35.99 -14.45
CA PRO B 299 -23.05 -37.16 -14.96
C PRO B 299 -23.79 -36.88 -16.25
N ASP B 300 -24.17 -35.62 -16.50
CA ASP B 300 -24.64 -35.25 -17.84
C ASP B 300 -23.52 -35.36 -18.86
N ILE B 301 -22.30 -34.99 -18.46
CA ILE B 301 -21.15 -35.04 -19.37
C ILE B 301 -20.79 -36.49 -19.69
N PHE B 302 -20.72 -37.33 -18.66
CA PHE B 302 -20.28 -38.71 -18.87
C PHE B 302 -21.30 -39.52 -19.66
N ASP B 303 -22.59 -39.21 -19.54
CA ASP B 303 -23.61 -39.96 -20.25
C ASP B 303 -23.53 -39.76 -21.77
N SER B 304 -22.94 -38.67 -22.22
CA SER B 304 -22.70 -38.45 -23.64
C SER B 304 -21.45 -39.16 -24.14
N ILE B 305 -20.53 -39.54 -23.24
CA ILE B 305 -19.34 -40.30 -23.59
C ILE B 305 -19.69 -41.79 -23.57
N ARG B 306 -19.16 -42.54 -24.53
CA ARG B 306 -19.46 -43.96 -24.63
C ARG B 306 -18.82 -44.72 -23.47
N LEU B 307 -17.51 -44.58 -23.30
CA LEU B 307 -16.85 -45.17 -22.14
C LEU B 307 -17.10 -44.39 -20.85
N GLY B 308 -18.09 -43.49 -20.86
CA GLY B 308 -18.47 -42.69 -19.71
C GLY B 308 -18.58 -43.48 -18.42
N PRO B 309 -19.23 -44.66 -18.47
CA PRO B 309 -19.14 -45.59 -17.33
C PRO B 309 -17.72 -45.77 -16.79
N ILE B 310 -16.72 -45.93 -17.68
CA ILE B 310 -15.34 -46.04 -17.22
C ILE B 310 -14.85 -44.70 -16.69
N VAL B 311 -15.10 -43.63 -17.43
CA VAL B 311 -14.60 -42.30 -17.05
C VAL B 311 -15.24 -41.84 -15.75
N GLY B 312 -16.55 -42.04 -15.62
CA GLY B 312 -17.23 -41.67 -14.38
C GLY B 312 -16.62 -42.34 -13.16
N ILE B 313 -16.27 -43.63 -13.28
CA ILE B 313 -15.56 -44.30 -12.21
C ILE B 313 -14.20 -43.67 -12.00
N ALA B 314 -13.47 -43.42 -13.09
CA ALA B 314 -12.12 -42.88 -12.99
C ALA B 314 -12.12 -41.51 -12.31
N PHE B 315 -13.10 -40.66 -12.64
CA PHE B 315 -13.13 -39.32 -12.08
C PHE B 315 -13.34 -39.35 -10.57
N PHE B 316 -14.45 -39.93 -10.13
CA PHE B 316 -14.76 -39.96 -8.69
C PHE B 316 -13.78 -40.80 -7.90
N ILE B 317 -12.94 -41.61 -8.54
CA ILE B 317 -11.81 -42.23 -7.84
C ILE B 317 -10.71 -41.21 -7.63
N LEU B 318 -10.27 -40.55 -8.71
CA LEU B 318 -9.21 -39.56 -8.60
C LEU B 318 -9.64 -38.35 -7.78
N LEU B 319 -10.94 -38.04 -7.77
CA LEU B 319 -11.45 -36.97 -6.93
C LEU B 319 -11.79 -37.44 -5.53
N GLY B 320 -12.23 -38.69 -5.38
CA GLY B 320 -12.41 -39.24 -4.05
C GLY B 320 -11.10 -39.33 -3.28
N ALA B 321 -9.98 -39.42 -3.98
CA ALA B 321 -8.67 -39.39 -3.34
C ALA B 321 -8.22 -37.97 -3.06
N ALA B 322 -8.49 -37.05 -4.01
CA ALA B 322 -8.15 -35.65 -3.78
C ALA B 322 -8.94 -35.06 -2.62
N ALA B 323 -10.15 -35.58 -2.38
CA ALA B 323 -10.91 -35.15 -1.22
C ALA B 323 -10.35 -35.76 0.07
N LEU B 324 -9.80 -36.97 -0.01
CA LEU B 324 -9.28 -37.63 1.18
C LEU B 324 -7.98 -36.99 1.65
N SER B 325 -7.07 -36.72 0.71
CA SER B 325 -5.79 -36.12 1.08
C SER B 325 -5.95 -34.71 1.65
N SER B 326 -7.03 -34.01 1.27
CA SER B 326 -7.29 -32.68 1.79
C SER B 326 -8.07 -32.69 3.09
N ALA B 327 -8.89 -33.71 3.31
CA ALA B 327 -9.58 -33.85 4.59
C ALA B 327 -8.69 -34.50 5.65
N VAL B 328 -7.78 -35.38 5.23
CA VAL B 328 -6.76 -35.88 6.14
C VAL B 328 -5.92 -34.72 6.67
N SER B 329 -5.62 -33.75 5.81
CA SER B 329 -4.92 -32.55 6.24
C SER B 329 -5.80 -31.67 7.12
N LEU B 330 -7.11 -31.71 6.90
CA LEU B 330 -8.02 -30.97 7.77
C LEU B 330 -8.03 -31.54 9.18
N LEU B 331 -7.92 -32.86 9.30
CA LEU B 331 -8.02 -33.50 10.62
C LEU B 331 -6.75 -33.34 11.44
N GLU B 332 -5.60 -33.16 10.78
CA GLU B 332 -4.35 -33.05 11.53
C GLU B 332 -4.31 -31.79 12.38
N VAL B 333 -5.02 -30.74 11.96
CA VAL B 333 -4.97 -29.48 12.71
C VAL B 333 -5.49 -29.62 14.13
N PRO B 334 -6.63 -30.27 14.39
CA PRO B 334 -6.97 -30.54 15.80
C PRO B 334 -6.14 -31.68 16.39
N VAL B 335 -5.83 -32.70 15.60
CA VAL B 335 -5.15 -33.89 16.13
C VAL B 335 -3.78 -33.52 16.70
N ALA B 336 -2.99 -32.77 15.94
CA ALA B 336 -1.69 -32.34 16.44
C ALA B 336 -1.82 -31.30 17.54
N TYR B 337 -2.98 -30.63 17.64
CA TYR B 337 -3.20 -29.68 18.72
C TYR B 337 -3.59 -30.36 20.02
N PHE B 338 -4.39 -31.42 19.92
CA PHE B 338 -4.89 -32.13 21.10
C PHE B 338 -3.93 -33.16 21.65
N MET B 339 -2.90 -33.55 20.89
CA MET B 339 -1.90 -34.47 21.42
C MET B 339 -0.70 -33.75 22.02
N ARG B 340 -0.67 -32.42 21.97
CA ARG B 340 0.27 -31.61 22.74
C ARG B 340 -0.37 -30.89 23.91
N LYS B 341 -1.56 -30.32 23.70
CA LYS B 341 -2.22 -29.57 24.77
C LYS B 341 -2.89 -30.50 25.79
N PHE B 342 -3.33 -31.68 25.36
CA PHE B 342 -3.99 -32.62 26.25
C PHE B 342 -3.19 -33.90 26.47
N ASP B 343 -2.02 -34.04 25.84
CA ASP B 343 -1.17 -35.22 25.95
C ASP B 343 -1.96 -36.49 25.63
N TRP B 344 -2.70 -36.45 24.52
CA TRP B 344 -3.38 -37.61 23.99
C TRP B 344 -2.43 -38.41 23.11
N SER B 345 -2.95 -39.46 22.48
CA SER B 345 -2.22 -40.20 21.47
C SER B 345 -2.88 -40.00 20.11
N ARG B 346 -2.14 -40.33 19.06
CA ARG B 346 -2.67 -40.10 17.72
C ARG B 346 -3.87 -40.99 17.42
N LYS B 347 -3.78 -42.27 17.79
CA LYS B 347 -4.89 -43.19 17.55
C LYS B 347 -6.15 -42.73 18.29
N GLN B 348 -5.98 -42.17 19.49
CA GLN B 348 -7.12 -41.67 20.25
C GLN B 348 -7.64 -40.35 19.68
N ALA B 349 -6.73 -39.43 19.37
CA ALA B 349 -7.14 -38.08 18.95
C ALA B 349 -7.90 -38.10 17.63
N ALA B 350 -7.58 -39.06 16.75
CA ALA B 350 -8.28 -39.12 15.46
C ALA B 350 -9.71 -39.61 15.65
N ILE B 351 -9.89 -40.74 16.34
CA ILE B 351 -11.23 -41.28 16.58
C ILE B 351 -12.07 -40.27 17.34
N THR B 352 -11.50 -39.64 18.35
CA THR B 352 -12.22 -38.63 19.12
C THR B 352 -12.59 -37.44 18.25
N LEU B 353 -11.58 -36.68 17.81
CA LEU B 353 -11.83 -35.50 17.00
C LEU B 353 -12.43 -35.83 15.64
N GLY B 354 -12.55 -37.10 15.29
CA GLY B 354 -13.15 -37.47 14.02
C GLY B 354 -14.62 -37.80 14.13
N VAL B 355 -14.96 -38.71 15.04
CA VAL B 355 -16.37 -39.04 15.26
C VAL B 355 -17.14 -37.81 15.73
N ILE B 356 -16.46 -36.86 16.39
CA ILE B 356 -17.13 -35.63 16.80
C ILE B 356 -17.40 -34.75 15.59
N ILE B 357 -16.36 -34.48 14.78
CA ILE B 357 -16.51 -33.66 13.59
C ILE B 357 -17.52 -34.28 12.63
N THR B 358 -17.63 -35.61 12.63
CA THR B 358 -18.67 -36.27 11.85
C THR B 358 -20.06 -35.83 12.30
N LEU B 359 -20.32 -35.88 13.60
CA LEU B 359 -21.60 -35.43 14.12
C LEU B 359 -21.77 -33.92 13.97
N LEU B 360 -20.66 -33.19 13.92
CA LEU B 360 -20.72 -31.74 13.69
C LEU B 360 -21.36 -31.43 12.33
N GLY B 361 -21.06 -32.23 11.32
CA GLY B 361 -21.58 -32.05 9.99
C GLY B 361 -22.89 -32.75 9.69
N ILE B 362 -23.43 -33.52 10.62
CA ILE B 362 -24.72 -34.17 10.42
C ILE B 362 -25.83 -33.13 10.32
N PRO B 363 -25.83 -32.07 11.13
CA PRO B 363 -26.80 -30.98 10.89
C PRO B 363 -26.64 -30.33 9.52
N SER B 364 -25.42 -30.28 8.98
CA SER B 364 -25.21 -29.65 7.68
C SER B 364 -25.72 -30.53 6.55
N SER B 365 -25.52 -31.86 6.66
CA SER B 365 -26.01 -32.76 5.62
C SER B 365 -27.53 -32.75 5.56
N LEU B 366 -28.19 -32.44 6.67
CA LEU B 366 -29.65 -32.36 6.72
C LEU B 366 -30.18 -31.00 6.28
N SER B 367 -29.31 -30.04 5.95
CA SER B 367 -29.75 -28.71 5.57
C SER B 367 -30.20 -28.63 4.11
N PHE B 368 -29.89 -29.64 3.30
CA PHE B 368 -30.35 -29.70 1.91
C PHE B 368 -31.70 -30.39 1.78
N GLY B 369 -32.32 -30.80 2.89
CA GLY B 369 -33.62 -31.43 2.84
C GLY B 369 -34.57 -31.03 3.95
N VAL B 370 -34.53 -31.76 5.07
CA VAL B 370 -35.51 -31.54 6.13
C VAL B 370 -35.28 -30.22 6.85
N LEU B 371 -34.03 -29.77 6.96
CA LEU B 371 -33.69 -28.54 7.66
C LEU B 371 -33.46 -27.35 6.72
N GLY B 372 -34.11 -27.37 5.55
CA GLY B 372 -33.87 -26.31 4.58
C GLY B 372 -34.39 -24.95 5.04
N GLU B 373 -35.63 -24.92 5.56
CA GLU B 373 -36.22 -23.67 6.02
C GLU B 373 -35.56 -23.14 7.30
N VAL B 374 -34.71 -23.93 7.93
CA VAL B 374 -34.04 -23.51 9.17
C VAL B 374 -32.80 -22.70 8.81
N THR B 375 -32.54 -21.64 9.59
CA THR B 375 -31.43 -20.74 9.36
C THR B 375 -30.67 -20.51 10.67
N ILE B 376 -29.38 -20.19 10.55
CA ILE B 376 -28.58 -19.77 11.69
C ILE B 376 -28.25 -18.30 11.49
N ILE B 377 -27.20 -18.03 10.70
CA ILE B 377 -27.02 -16.67 10.17
C ILE B 377 -28.28 -16.31 9.38
N PRO B 378 -28.87 -15.14 9.58
CA PRO B 378 -30.14 -14.81 8.91
C PRO B 378 -30.02 -14.90 7.40
N GLY B 379 -30.98 -15.58 6.78
CA GLY B 379 -31.06 -15.69 5.34
C GLY B 379 -30.37 -16.90 4.74
N LEU B 380 -29.67 -17.70 5.53
CA LEU B 380 -28.87 -18.80 5.02
C LEU B 380 -29.17 -20.08 5.81
N ASN B 381 -29.27 -21.20 5.11
CA ASN B 381 -29.45 -22.48 5.79
C ASN B 381 -28.14 -22.89 6.46
N ILE B 382 -28.18 -24.03 7.17
CA ILE B 382 -27.08 -24.40 8.06
C ILE B 382 -25.79 -24.61 7.29
N PHE B 383 -25.88 -25.24 6.11
CA PHE B 383 -24.67 -25.44 5.30
C PHE B 383 -24.10 -24.11 4.85
N ASP B 384 -24.93 -23.26 4.25
CA ASP B 384 -24.50 -21.94 3.80
C ASP B 384 -24.27 -20.96 4.95
N SER B 385 -24.42 -21.40 6.20
CA SER B 385 -24.12 -20.58 7.37
C SER B 385 -22.73 -20.87 7.92
N VAL B 386 -22.45 -22.13 8.23
CA VAL B 386 -21.10 -22.52 8.63
C VAL B 386 -20.11 -22.31 7.49
N ASP B 387 -20.59 -22.33 6.25
CA ASP B 387 -19.77 -21.88 5.13
C ASP B 387 -19.33 -20.44 5.34
N PHE B 388 -20.28 -19.55 5.64
CA PHE B 388 -19.96 -18.14 5.84
C PHE B 388 -18.98 -17.96 6.99
N ILE B 389 -19.28 -18.56 8.14
CA ILE B 389 -18.47 -18.34 9.33
C ILE B 389 -17.04 -18.80 9.09
N ALA B 390 -16.88 -19.99 8.51
CA ALA B 390 -15.55 -20.59 8.38
C ALA B 390 -14.78 -19.98 7.21
N SER B 391 -15.40 -19.90 6.05
CA SER B 391 -14.68 -19.56 4.82
C SER B 391 -14.59 -18.05 4.55
N SER B 392 -15.61 -17.27 4.91
CA SER B 392 -15.63 -15.84 4.63
C SER B 392 -15.23 -14.98 5.83
N VAL B 393 -14.85 -15.58 6.95
CA VAL B 393 -14.52 -14.83 8.16
C VAL B 393 -13.25 -15.36 8.80
N PHE B 394 -13.31 -16.58 9.35
CA PHE B 394 -12.18 -17.14 10.07
C PHE B 394 -10.92 -17.18 9.21
N LEU B 395 -11.04 -17.71 7.98
CA LEU B 395 -9.86 -17.79 7.11
C LEU B 395 -9.33 -16.41 6.72
N PRO B 396 -10.15 -15.48 6.21
CA PRO B 396 -9.60 -14.16 5.87
C PRO B 396 -9.08 -13.39 7.08
N LEU B 397 -9.78 -13.45 8.21
CA LEU B 397 -9.31 -12.75 9.40
C LEU B 397 -8.08 -13.41 9.99
N GLY B 398 -8.05 -14.75 10.01
CA GLY B 398 -6.90 -15.45 10.54
C GLY B 398 -5.64 -15.19 9.73
N GLY B 399 -5.78 -15.14 8.40
CA GLY B 399 -4.64 -14.82 7.57
C GLY B 399 -4.22 -13.37 7.65
N MET B 400 -5.18 -12.47 7.86
CA MET B 400 -4.85 -11.06 8.07
C MET B 400 -3.92 -10.91 9.27
N ILE B 401 -4.25 -11.57 10.37
CA ILE B 401 -3.41 -11.51 11.57
C ILE B 401 -2.08 -12.21 11.32
N ILE B 402 -2.11 -13.37 10.65
CA ILE B 402 -0.88 -14.09 10.34
C ILE B 402 0.03 -13.21 9.48
N ALA B 403 -0.56 -12.43 8.58
CA ALA B 403 0.21 -11.42 7.87
C ALA B 403 0.69 -10.34 8.83
N LEU B 404 -0.21 -9.82 9.66
CA LEU B 404 0.16 -8.81 10.64
C LEU B 404 1.16 -9.34 11.66
N PHE B 405 1.18 -10.65 11.88
CA PHE B 405 2.14 -11.23 12.80
C PHE B 405 3.55 -11.20 12.23
N ILE B 406 3.72 -11.69 10.99
CA ILE B 406 5.04 -11.68 10.38
C ILE B 406 5.41 -10.29 9.88
N GLY B 407 4.42 -9.50 9.44
CA GLY B 407 4.72 -8.19 8.93
C GLY B 407 5.20 -7.23 10.01
N TRP B 408 4.52 -7.24 11.16
CA TRP B 408 4.77 -6.25 12.21
C TRP B 408 5.34 -6.83 13.50
N GLY B 409 5.34 -8.15 13.67
CA GLY B 409 5.88 -8.73 14.88
C GLY B 409 7.07 -9.64 14.66
N TRP B 410 7.73 -9.48 13.52
CA TRP B 410 8.89 -10.30 13.18
C TRP B 410 10.07 -9.40 12.80
N LYS B 411 11.23 -9.69 13.37
CA LYS B 411 12.44 -9.04 12.92
C LYS B 411 12.64 -9.35 11.44
N THR B 412 12.64 -8.31 10.61
CA THR B 412 12.68 -8.50 9.15
C THR B 412 13.81 -9.44 8.74
N SER B 413 14.93 -9.41 9.48
CA SER B 413 15.99 -10.38 9.25
C SER B 413 15.53 -11.80 9.59
N ASP B 414 14.80 -11.96 10.69
CA ASP B 414 14.31 -13.29 11.07
C ASP B 414 13.15 -13.72 10.20
N ALA B 415 12.38 -12.77 9.66
CA ALA B 415 11.28 -13.12 8.77
C ALA B 415 11.78 -13.62 7.42
N LEU B 416 12.91 -13.10 6.94
CA LEU B 416 13.41 -13.51 5.64
C LEU B 416 14.25 -14.77 5.74
N ALA B 417 15.16 -14.82 6.72
CA ALA B 417 16.03 -15.98 6.86
C ALA B 417 15.22 -17.24 7.11
N GLU B 418 14.23 -17.17 8.01
CA GLU B 418 13.37 -18.30 8.29
C GLU B 418 12.41 -18.60 7.16
N SER B 419 12.24 -17.68 6.21
CA SER B 419 11.44 -17.92 5.01
C SER B 419 12.31 -18.21 3.79
N ASP B 420 13.62 -18.38 3.98
CA ASP B 420 14.57 -18.65 2.89
C ASP B 420 14.49 -17.58 1.81
N LEU B 421 14.55 -16.32 2.25
CA LEU B 421 14.49 -15.18 1.34
C LEU B 421 15.58 -14.18 1.69
N THR B 422 16.19 -13.61 0.66
CA THR B 422 17.17 -12.54 0.82
C THR B 422 16.46 -11.18 0.73
N ASP B 423 17.27 -10.11 0.75
CA ASP B 423 16.74 -8.76 0.58
C ASP B 423 16.55 -8.43 -0.88
N SER B 424 16.27 -9.45 -1.70
CA SER B 424 16.15 -9.24 -3.14
C SER B 424 14.84 -8.53 -3.46
N VAL B 425 14.62 -8.30 -4.75
CA VAL B 425 13.40 -7.63 -5.19
C VAL B 425 12.17 -8.43 -4.77
N TRP B 426 12.29 -9.76 -4.71
CA TRP B 426 11.17 -10.57 -4.28
C TRP B 426 11.07 -10.62 -2.76
N GLY B 427 12.21 -10.61 -2.07
CA GLY B 427 12.17 -10.51 -0.62
C GLY B 427 11.51 -9.23 -0.15
N LYS B 428 11.70 -8.14 -0.89
CA LYS B 428 10.99 -6.91 -0.59
C LYS B 428 9.52 -7.01 -0.98
N LEU B 429 9.21 -7.72 -2.07
CA LEU B 429 7.81 -7.89 -2.47
C LEU B 429 7.04 -8.68 -1.43
N TRP B 430 7.56 -9.85 -1.04
CA TRP B 430 6.85 -10.73 -0.12
C TRP B 430 6.65 -10.07 1.24
N ILE B 431 7.70 -9.44 1.76
CA ILE B 431 7.57 -8.78 3.06
C ILE B 431 6.60 -7.60 2.98
N LEU B 432 6.43 -7.03 1.79
CA LEU B 432 5.52 -5.89 1.65
C LEU B 432 4.07 -6.32 1.77
N SER B 433 3.74 -7.48 1.20
CA SER B 433 2.35 -7.95 1.20
C SER B 433 1.87 -8.27 2.61
N LEU B 434 2.68 -9.00 3.38
CA LEU B 434 2.30 -9.31 4.76
C LEU B 434 2.24 -8.04 5.60
N ARG B 435 3.18 -7.13 5.38
CA ARG B 435 3.27 -5.91 6.19
C ARG B 435 2.06 -5.01 5.97
N PHE B 436 1.64 -4.85 4.72
CA PHE B 436 0.62 -3.86 4.40
C PHE B 436 -0.44 -4.42 3.46
N ILE B 437 -0.01 -4.96 2.31
CA ILE B 437 -0.93 -5.22 1.19
C ILE B 437 -1.97 -6.28 1.56
N ALA B 438 -1.51 -7.42 2.10
CA ALA B 438 -2.46 -8.48 2.45
C ALA B 438 -3.45 -8.07 3.53
N PRO B 439 -3.02 -7.53 4.69
CA PRO B 439 -4.02 -7.19 5.71
C PRO B 439 -4.91 -6.01 5.33
N ILE B 440 -4.40 -5.04 4.57
CA ILE B 440 -5.23 -3.90 4.17
C ILE B 440 -6.25 -4.30 3.11
N ALA B 441 -5.98 -5.36 2.36
CA ALA B 441 -6.93 -5.79 1.32
C ALA B 441 -8.14 -6.47 1.94
N ILE B 442 -7.91 -7.37 2.90
CA ILE B 442 -9.02 -8.00 3.61
C ILE B 442 -9.77 -6.98 4.45
N LEU B 443 -9.03 -6.00 5.01
CA LEU B 443 -9.66 -5.00 5.86
C LEU B 443 -10.67 -4.17 5.07
N ILE B 444 -10.36 -3.85 3.81
CA ILE B 444 -11.28 -3.05 3.01
C ILE B 444 -12.47 -3.90 2.57
N VAL B 445 -12.26 -5.18 2.29
CA VAL B 445 -13.37 -6.03 1.84
C VAL B 445 -14.32 -6.33 2.98
N PHE B 446 -13.79 -6.55 4.19
CA PHE B 446 -14.65 -6.76 5.35
C PHE B 446 -15.56 -5.56 5.59
N LEU B 447 -15.00 -4.35 5.46
CA LEU B 447 -15.77 -3.14 5.72
C LEU B 447 -16.88 -2.95 4.70
N SER B 448 -16.53 -3.00 3.41
CA SER B 448 -17.53 -2.75 2.37
C SER B 448 -18.55 -3.87 2.31
N ALA B 449 -18.18 -5.09 2.73
CA ALA B 449 -19.17 -6.17 2.82
C ALA B 449 -20.04 -6.04 4.06
N PHE B 450 -19.50 -5.51 5.15
CA PHE B 450 -20.25 -5.33 6.39
C PHE B 450 -20.40 -3.84 6.72
C1 BOG C . 0.55 45.74 18.26
O1 BOG C . -0.53 45.98 19.06
C2 BOG C . 1.83 46.03 19.05
O2 BOG C . 1.91 47.45 19.33
C3 BOG C . 3.04 45.60 18.32
O3 BOG C . 4.22 45.87 19.14
C4 BOG C . 2.96 44.16 17.99
O4 BOG C . 4.13 43.75 17.28
C5 BOG C . 1.73 43.88 17.13
O5 BOG C . 0.49 44.32 17.78
C6 BOG C . 1.64 42.41 16.84
O6 BOG C . 0.38 42.10 16.29
C1' BOG C . -1.79 45.77 18.42
C2' BOG C . -2.89 46.48 19.22
C3' BOG C . -2.78 48.00 19.03
C4' BOG C . -4.19 48.61 18.95
C5' BOG C . -4.33 49.39 17.65
C6' BOG C . -5.80 49.78 17.44
C7' BOG C . -6.63 48.52 17.23
C8' BOG C . -8.10 48.90 17.07
C1 BOG D . -17.83 26.54 11.51
O1 BOG D . -16.63 26.39 10.88
C2 BOG D . -18.17 28.01 11.72
O2 BOG D . -17.08 28.70 12.36
C3 BOG D . -19.38 28.08 12.56
O3 BOG D . -19.65 29.47 12.91
C4 BOG D . -20.55 27.48 11.84
O4 BOG D . -21.67 27.42 12.72
C5 BOG D . -20.28 26.08 11.31
O5 BOG D . -18.93 25.89 10.72
C6 BOG D . -21.30 25.76 10.28
O6 BOG D . -22.51 26.40 10.58
C1' BOG D . -15.55 26.10 11.76
C2' BOG D . -14.88 24.75 11.42
C3' BOG D . -13.75 24.45 12.41
C4' BOG D . -12.94 25.72 12.71
C5' BOG D . -11.88 25.41 13.76
C6' BOG D . -11.21 26.71 14.19
C7' BOG D . -10.02 26.39 15.10
C8' BOG D . -9.53 27.69 15.74
C1 BOG E . -15.43 20.55 10.85
O1 BOG E . -14.29 21.32 10.82
C2 BOG E . -16.42 21.18 11.83
O2 BOG E . -15.87 21.11 13.15
C3 BOG E . -17.73 20.48 11.82
O3 BOG E . -18.66 21.20 12.67
C4 BOG E . -18.31 20.37 10.44
O4 BOG E . -19.47 19.53 10.49
C5 BOG E . -17.32 19.80 9.43
O5 BOG E . -16.00 20.45 9.47
C6 BOG E . -17.89 19.95 8.06
O6 BOG E . -17.15 19.20 7.13
C1' BOG E . -13.10 20.61 11.13
C2' BOG E . -12.62 20.94 12.56
C3' BOG E . -11.25 21.63 12.53
C4' BOG E . -10.37 21.09 13.67
C5' BOG E . -9.40 22.17 14.14
C6' BOG E . -8.48 21.60 15.22
C7' BOG E . -7.33 22.56 15.46
C8' BOG E . -7.77 23.62 16.47
NA NA F . 14.29 30.17 5.77
NA NA G . 8.70 25.90 3.92
N ILE H . 11.68 25.42 1.60
CA ILE H . 11.81 26.85 1.37
C ILE H . 10.44 27.51 1.41
O ILE H . 10.30 28.71 1.05
CB ILE H . 12.47 27.13 0.01
CG1 ILE H . 11.71 26.36 -1.05
CG2 ILE H . 13.92 26.67 0.04
CD1 ILE H . 12.30 26.73 -2.41
OXT ILE H . 9.44 26.85 1.82
C1 BOG I . -12.15 -10.08 -23.86
O1 BOG I . -10.84 -10.43 -23.68
C2 BOG I . -12.51 -9.04 -22.80
O2 BOG I . -12.59 -9.72 -21.53
C3 BOG I . -13.80 -8.34 -23.03
O3 BOG I . -13.75 -7.08 -22.29
C4 BOG I . -14.14 -8.03 -24.45
O4 BOG I . -15.56 -7.86 -24.53
C5 BOG I . -13.74 -9.13 -25.44
O5 BOG I . -12.34 -9.56 -25.25
C6 BOG I . -13.91 -8.62 -26.85
O6 BOG I . -15.19 -8.95 -27.32
C1' BOG I . -10.66 -11.70 -23.06
C2' BOG I . -9.16 -11.93 -22.77
C3' BOG I . -8.99 -13.06 -21.74
C4' BOG I . -8.68 -14.37 -22.48
C5' BOG I . -7.91 -15.30 -21.55
C6' BOG I . -7.42 -16.53 -22.32
C7' BOG I . -6.66 -17.47 -21.39
C8' BOG I . -7.46 -18.75 -21.18
O1 BOG J . -16.30 -12.80 -26.89
C1' BOG J . -15.59 -13.94 -26.45
C2' BOG J . -14.72 -13.59 -25.24
C3' BOG J . -14.01 -14.84 -24.71
C4' BOG J . -12.59 -14.47 -24.23
C5' BOG J . -11.93 -15.66 -23.55
C6' BOG J . -11.51 -16.72 -24.55
C7' BOG J . -10.50 -17.66 -23.88
C8' BOG J . -10.03 -18.70 -24.89
C1 BOG K . -15.14 -35.61 -29.05
O1 BOG K . -14.32 -34.88 -28.24
C2 BOG K . -16.41 -34.81 -29.29
O2 BOG K . -17.05 -34.56 -28.02
C3 BOG K . -17.36 -35.52 -30.19
O3 BOG K . -18.48 -34.63 -30.46
C4 BOG K . -16.72 -35.89 -31.49
O4 BOG K . -17.59 -36.75 -32.21
C5 BOG K . -15.38 -36.60 -31.33
O5 BOG K . -14.47 -35.93 -30.35
C6 BOG K . -14.72 -36.62 -32.67
O6 BOG K . -15.43 -37.45 -33.56
C1' BOG K . -12.99 -35.36 -28.09
C2' BOG K . -12.90 -36.45 -27.00
C3' BOG K . -11.84 -36.05 -25.95
C4' BOG K . -10.42 -36.34 -26.49
C5' BOG K . -9.39 -35.91 -25.45
C6' BOG K . -7.98 -36.22 -25.97
C7' BOG K . -6.94 -35.77 -24.95
C8' BOG K . -5.54 -36.06 -25.51
NA NA L . -6.21 -33.41 -1.88
NA NA M . -7.68 -26.13 -3.50
N ILE N . -7.24 -27.30 -0.05
CA ILE N . -8.47 -28.04 0.20
C ILE N . -9.44 -27.82 -0.96
O ILE N . -9.36 -26.77 -1.66
CB ILE N . -9.11 -27.60 1.52
CG1 ILE N . -7.99 -27.34 2.53
CG2 ILE N . -10.06 -28.66 2.03
CD1 ILE N . -7.70 -28.60 3.37
OXT ILE N . -10.32 -28.68 -1.22
#